data_6W37
# 
_entry.id   6W37 
# 
_audit_conform.dict_name       mmcif_pdbx.dic 
_audit_conform.dict_version    5.397 
_audit_conform.dict_location   http://mmcif.pdb.org/dictionaries/ascii/mmcif_pdbx.dic 
# 
loop_
_database_2.database_id 
_database_2.database_code 
_database_2.pdbx_database_accession 
_database_2.pdbx_DOI 
PDB   6W37         pdb_00006w37 10.2210/pdb6w37/pdb 
WWPDB D_1000247519 ?            ?                   
# 
loop_
_pdbx_audit_revision_history.ordinal 
_pdbx_audit_revision_history.data_content_type 
_pdbx_audit_revision_history.major_revision 
_pdbx_audit_revision_history.minor_revision 
_pdbx_audit_revision_history.revision_date 
1 'Structure model' 1 0 2020-04-29 
2 'Structure model' 1 1 2020-05-06 
3 'Structure model' 1 2 2020-05-20 
4 'Structure model' 1 3 2021-01-27 
5 'Structure model' 1 4 2022-01-12 
6 'Structure model' 1 5 2023-10-18 
7 'Structure model' 1 6 2024-10-23 
# 
_pdbx_audit_revision_details.ordinal             1 
_pdbx_audit_revision_details.revision_ordinal    1 
_pdbx_audit_revision_details.data_content_type   'Structure model' 
_pdbx_audit_revision_details.provider            repository 
_pdbx_audit_revision_details.type                'Initial release' 
_pdbx_audit_revision_details.description         ? 
_pdbx_audit_revision_details.details             ? 
# 
loop_
_pdbx_audit_revision_group.ordinal 
_pdbx_audit_revision_group.revision_ordinal 
_pdbx_audit_revision_group.data_content_type 
_pdbx_audit_revision_group.group 
1  2 'Structure model' 'Database references'    
2  2 'Structure model' 'Source and taxonomy'    
3  2 'Structure model' 'Structure summary'      
4  3 'Structure model' 'Database references'    
5  3 'Structure model' 'Structure summary'      
6  4 'Structure model' 'Structure summary'      
7  5 'Structure model' 'Database references'    
8  5 'Structure model' 'Structure summary'      
9  6 'Structure model' 'Data collection'        
10 6 'Structure model' 'Refinement description' 
11 7 'Structure model' 'Structure summary'      
# 
loop_
_pdbx_audit_revision_category.ordinal 
_pdbx_audit_revision_category.revision_ordinal 
_pdbx_audit_revision_category.data_content_type 
_pdbx_audit_revision_category.category 
1  2 'Structure model' entity                        
2  2 'Structure model' entity_name_com               
3  2 'Structure model' entity_src_gen                
4  2 'Structure model' struct_ref                    
5  2 'Structure model' struct_ref_seq                
6  3 'Structure model' audit_author                  
7  3 'Structure model' citation_author               
8  4 'Structure model' entity                        
9  4 'Structure model' entity_name_com               
10 5 'Structure model' database_2                    
11 5 'Structure model' struct_keywords               
12 6 'Structure model' chem_comp_atom                
13 6 'Structure model' chem_comp_bond                
14 6 'Structure model' pdbx_initial_refinement_model 
15 7 'Structure model' pdbx_entry_details            
16 7 'Structure model' pdbx_modification_feature     
# 
loop_
_pdbx_audit_revision_item.ordinal 
_pdbx_audit_revision_item.revision_ordinal 
_pdbx_audit_revision_item.data_content_type 
_pdbx_audit_revision_item.item 
1  2 'Structure model' '_entity.pdbx_description'             
2  2 'Structure model' '_entity_src_gen.gene_src_common_name' 
3  2 'Structure model' '_entity_src_gen.pdbx_gene_src_gene'   
4  2 'Structure model' '_struct_ref.db_code'                  
5  2 'Structure model' '_struct_ref.db_name'                  
6  2 'Structure model' '_struct_ref.pdbx_align_begin'         
7  2 'Structure model' '_struct_ref.pdbx_db_accession'        
8  2 'Structure model' '_struct_ref.pdbx_seq_one_letter_code' 
9  2 'Structure model' '_struct_ref_seq.db_align_beg'         
10 2 'Structure model' '_struct_ref_seq.db_align_end'         
11 2 'Structure model' '_struct_ref_seq.pdbx_db_accession'    
12 4 'Structure model' '_entity.pdbx_description'             
13 4 'Structure model' '_entity_name_com.name'                
14 5 'Structure model' '_database_2.pdbx_DOI'                 
15 5 'Structure model' '_database_2.pdbx_database_accession'  
16 5 'Structure model' '_struct_keywords.pdbx_keywords'       
# 
_pdbx_database_status.status_code                     REL 
_pdbx_database_status.status_code_sf                  REL 
_pdbx_database_status.status_code_mr                  ? 
_pdbx_database_status.entry_id                        6W37 
_pdbx_database_status.recvd_initial_deposition_date   2020-03-09 
_pdbx_database_status.SG_entry                        Y 
_pdbx_database_status.deposit_site                    RCSB 
_pdbx_database_status.process_site                    RCSB 
_pdbx_database_status.status_code_cs                  ? 
_pdbx_database_status.status_code_nmr_data            ? 
_pdbx_database_status.methods_development_category    ? 
_pdbx_database_status.pdb_format_compatible           Y 
# 
loop_
_pdbx_database_related.db_name 
_pdbx_database_related.details 
_pdbx_database_related.db_id 
_pdbx_database_related.content_type 
PDB         'SARS-CoV ORF7a' 1XAK     unspecified 
TargetTrack 'CSGID database' IDP51001 unspecified 
PDB         'SARS-CoV ORF7a' 1YO4     unspecified 
# 
loop_
_audit_author.name 
_audit_author.pdbx_ordinal 
_audit_author.identifier_ORCID 
'Nelson, C.A.'                                                  1 0000-0001-8730-4768 
'Minasov, G.'                                                   2 0000-0001-5460-3462 
'Shuvalova, L.'                                                 3 0000-0003-1702-6998 
'Fremont, D.H.'                                                 4 0000-0002-8544-2689 
'Center for Structural Genomics of Infectious Diseases (CSGID)' 5 ?                   
# 
_citation.abstract                  ? 
_citation.abstract_id_CAS           ? 
_citation.book_id_ISBN              ? 
_citation.book_publisher            ? 
_citation.book_publisher_city       ? 
_citation.book_title                ? 
_citation.coordinate_linkage        ? 
_citation.country                   ? 
_citation.database_id_Medline       ? 
_citation.details                   ? 
_citation.id                        primary 
_citation.journal_abbrev            'To be published' 
_citation.journal_id_ASTM           ? 
_citation.journal_id_CSD            0353 
_citation.journal_id_ISSN           ? 
_citation.journal_full              ? 
_citation.journal_issue             ? 
_citation.journal_volume            ? 
_citation.language                  ? 
_citation.page_first                ? 
_citation.page_last                 ? 
_citation.title                     'STRUCTURE OF THE SARS-CoV-2 ORF7A ENCODED ACCESSORY PROTEIN' 
_citation.year                      ? 
_citation.database_id_CSD           ? 
_citation.pdbx_database_id_DOI      ? 
_citation.pdbx_database_id_PubMed   ? 
_citation.unpublished_flag          ? 
# 
loop_
_citation_author.citation_id 
_citation_author.name 
_citation_author.ordinal 
_citation_author.identifier_ORCID 
primary 'Nelson, C.A.'  1 0000-0001-8730-4768 
primary 'Minasov, G.'   2 0000-0001-5460-3462 
primary 'Shuvalova, L.' 3 0000-0003-1702-6998 
primary 'Fremont, D.H.' 4 0000-0002-8544-2689 
# 
loop_
_entity.id 
_entity.type 
_entity.src_method 
_entity.pdbx_description 
_entity.formula_weight 
_entity.pdbx_number_of_molecules 
_entity.pdbx_ec 
_entity.pdbx_mutation 
_entity.pdbx_fragment 
_entity.details 
1 polymer man 'ORF7a protein' 7539.497 1 ? ? 'H-2Kb residues 1-277' 'Ectodomain, the first and last residue were disordered' 
2 water   nat water           18.015   3 ? ? ?                      ?                                                        
# 
_entity_name_com.entity_id   1 
_entity_name_com.name        'SARS-Cov-2 Accessory protein 7a,Protein U122,Protein X4,ORF7a,Accessory protein 7a,Protein 7a' 
# 
_entity_poly.entity_id                      1 
_entity_poly.type                           'polypeptide(L)' 
_entity_poly.nstd_linkage                   no 
_entity_poly.nstd_monomer                   no 
_entity_poly.pdbx_seq_one_letter_code       ELYHYQECVRGTTVLLKEPCSSGTYEGNSPFHPLADNKFALTCFSTQFAFACPDGVKHVYQLRARSV 
_entity_poly.pdbx_seq_one_letter_code_can   ELYHYQECVRGTTVLLKEPCSSGTYEGNSPFHPLADNKFALTCFSTQFAFACPDGVKHVYQLRARSV 
_entity_poly.pdbx_strand_id                 A 
_entity_poly.pdbx_target_identifier         IDP51001 
# 
_pdbx_entity_nonpoly.entity_id   2 
_pdbx_entity_nonpoly.name        water 
_pdbx_entity_nonpoly.comp_id     HOH 
# 
loop_
_entity_poly_seq.entity_id 
_entity_poly_seq.num 
_entity_poly_seq.mon_id 
_entity_poly_seq.hetero 
1 1  GLU n 
1 2  LEU n 
1 3  TYR n 
1 4  HIS n 
1 5  TYR n 
1 6  GLN n 
1 7  GLU n 
1 8  CYS n 
1 9  VAL n 
1 10 ARG n 
1 11 GLY n 
1 12 THR n 
1 13 THR n 
1 14 VAL n 
1 15 LEU n 
1 16 LEU n 
1 17 LYS n 
1 18 GLU n 
1 19 PRO n 
1 20 CYS n 
1 21 SER n 
1 22 SER n 
1 23 GLY n 
1 24 THR n 
1 25 TYR n 
1 26 GLU n 
1 27 GLY n 
1 28 ASN n 
1 29 SER n 
1 30 PRO n 
1 31 PHE n 
1 32 HIS n 
1 33 PRO n 
1 34 LEU n 
1 35 ALA n 
1 36 ASP n 
1 37 ASN n 
1 38 LYS n 
1 39 PHE n 
1 40 ALA n 
1 41 LEU n 
1 42 THR n 
1 43 CYS n 
1 44 PHE n 
1 45 SER n 
1 46 THR n 
1 47 GLN n 
1 48 PHE n 
1 49 ALA n 
1 50 PHE n 
1 51 ALA n 
1 52 CYS n 
1 53 PRO n 
1 54 ASP n 
1 55 GLY n 
1 56 VAL n 
1 57 LYS n 
1 58 HIS n 
1 59 VAL n 
1 60 TYR n 
1 61 GLN n 
1 62 LEU n 
1 63 ARG n 
1 64 ALA n 
1 65 ARG n 
1 66 SER n 
1 67 VAL n 
# 
_entity_src_gen.entity_id                          1 
_entity_src_gen.pdbx_src_id                        1 
_entity_src_gen.pdbx_alt_source_flag               sample 
_entity_src_gen.pdbx_seq_type                      'Biological sequence' 
_entity_src_gen.pdbx_beg_seq_num                   1 
_entity_src_gen.pdbx_end_seq_num                   67 
_entity_src_gen.gene_src_common_name               2019-nCoV 
_entity_src_gen.gene_src_genus                     ? 
_entity_src_gen.pdbx_gene_src_gene                 7a 
_entity_src_gen.gene_src_species                   ? 
_entity_src_gen.gene_src_strain                    ? 
_entity_src_gen.gene_src_tissue                    ? 
_entity_src_gen.gene_src_tissue_fraction           ? 
_entity_src_gen.gene_src_details                   refolded 
_entity_src_gen.pdbx_gene_src_fragment             ? 
_entity_src_gen.pdbx_gene_src_scientific_name      'Severe acute respiratory syndrome coronavirus 2' 
_entity_src_gen.pdbx_gene_src_ncbi_taxonomy_id     2697049 
_entity_src_gen.pdbx_gene_src_variant              ? 
_entity_src_gen.pdbx_gene_src_cell_line            ? 
_entity_src_gen.pdbx_gene_src_atcc                 ? 
_entity_src_gen.pdbx_gene_src_organ                ? 
_entity_src_gen.pdbx_gene_src_organelle            ? 
_entity_src_gen.pdbx_gene_src_cell                 ? 
_entity_src_gen.pdbx_gene_src_cellular_location    ? 
_entity_src_gen.host_org_common_name               ? 
_entity_src_gen.pdbx_host_org_scientific_name      'Escherichia coli BL21(DE3)' 
_entity_src_gen.pdbx_host_org_ncbi_taxonomy_id     469008 
_entity_src_gen.host_org_genus                     ? 
_entity_src_gen.pdbx_host_org_gene                 ? 
_entity_src_gen.pdbx_host_org_organ                ? 
_entity_src_gen.host_org_species                   ? 
_entity_src_gen.pdbx_host_org_tissue               ? 
_entity_src_gen.pdbx_host_org_tissue_fraction      ? 
_entity_src_gen.pdbx_host_org_strain               ? 
_entity_src_gen.pdbx_host_org_variant              RIL 
_entity_src_gen.pdbx_host_org_cell_line            ? 
_entity_src_gen.pdbx_host_org_atcc                 ? 
_entity_src_gen.pdbx_host_org_culture_collection   ? 
_entity_src_gen.pdbx_host_org_cell                 ? 
_entity_src_gen.pdbx_host_org_organelle            ? 
_entity_src_gen.pdbx_host_org_cellular_location    ? 
_entity_src_gen.pdbx_host_org_vector_type          plasmid 
_entity_src_gen.pdbx_host_org_vector               ? 
_entity_src_gen.host_org_details                   ? 
_entity_src_gen.expression_system_id               ? 
_entity_src_gen.plasmid_name                       pET21 
_entity_src_gen.plasmid_details                    ? 
_entity_src_gen.pdbx_description                   ? 
# 
loop_
_chem_comp.id 
_chem_comp.type 
_chem_comp.mon_nstd_flag 
_chem_comp.name 
_chem_comp.pdbx_synonyms 
_chem_comp.formula 
_chem_comp.formula_weight 
ALA 'L-peptide linking' y ALANINE         ? 'C3 H7 N O2'     89.093  
ARG 'L-peptide linking' y ARGININE        ? 'C6 H15 N4 O2 1' 175.209 
ASN 'L-peptide linking' y ASPARAGINE      ? 'C4 H8 N2 O3'    132.118 
ASP 'L-peptide linking' y 'ASPARTIC ACID' ? 'C4 H7 N O4'     133.103 
CYS 'L-peptide linking' y CYSTEINE        ? 'C3 H7 N O2 S'   121.158 
GLN 'L-peptide linking' y GLUTAMINE       ? 'C5 H10 N2 O3'   146.144 
GLU 'L-peptide linking' y 'GLUTAMIC ACID' ? 'C5 H9 N O4'     147.129 
GLY 'peptide linking'   y GLYCINE         ? 'C2 H5 N O2'     75.067  
HIS 'L-peptide linking' y HISTIDINE       ? 'C6 H10 N3 O2 1' 156.162 
HOH non-polymer         . WATER           ? 'H2 O'           18.015  
LEU 'L-peptide linking' y LEUCINE         ? 'C6 H13 N O2'    131.173 
LYS 'L-peptide linking' y LYSINE          ? 'C6 H15 N2 O2 1' 147.195 
PHE 'L-peptide linking' y PHENYLALANINE   ? 'C9 H11 N O2'    165.189 
PRO 'L-peptide linking' y PROLINE         ? 'C5 H9 N O2'     115.130 
SER 'L-peptide linking' y SERINE          ? 'C3 H7 N O3'     105.093 
THR 'L-peptide linking' y THREONINE       ? 'C4 H9 N O3'     119.119 
TYR 'L-peptide linking' y TYROSINE        ? 'C9 H11 N O3'    181.189 
VAL 'L-peptide linking' y VALINE          ? 'C5 H11 N O2'    117.146 
# 
loop_
_pdbx_poly_seq_scheme.asym_id 
_pdbx_poly_seq_scheme.entity_id 
_pdbx_poly_seq_scheme.seq_id 
_pdbx_poly_seq_scheme.mon_id 
_pdbx_poly_seq_scheme.ndb_seq_num 
_pdbx_poly_seq_scheme.pdb_seq_num 
_pdbx_poly_seq_scheme.auth_seq_num 
_pdbx_poly_seq_scheme.pdb_mon_id 
_pdbx_poly_seq_scheme.auth_mon_id 
_pdbx_poly_seq_scheme.pdb_strand_id 
_pdbx_poly_seq_scheme.pdb_ins_code 
_pdbx_poly_seq_scheme.hetero 
A 1 1  GLU 1  1  1  GLU GLU A . n 
A 1 2  LEU 2  2  2  LEU LEU A . n 
A 1 3  TYR 3  3  3  TYR TYR A . n 
A 1 4  HIS 4  4  4  HIS HIS A . n 
A 1 5  TYR 5  5  5  TYR TYR A . n 
A 1 6  GLN 6  6  6  GLN GLN A . n 
A 1 7  GLU 7  7  7  GLU GLU A . n 
A 1 8  CYS 8  8  8  CYS CYS A . n 
A 1 9  VAL 9  9  9  VAL VAL A . n 
A 1 10 ARG 10 10 10 ARG ARG A . n 
A 1 11 GLY 11 11 11 GLY GLY A . n 
A 1 12 THR 12 12 12 THR THR A . n 
A 1 13 THR 13 13 13 THR THR A . n 
A 1 14 VAL 14 14 14 VAL VAL A . n 
A 1 15 LEU 15 15 15 LEU LEU A . n 
A 1 16 LEU 16 16 16 LEU LEU A . n 
A 1 17 LYS 17 17 17 LYS LYS A . n 
A 1 18 GLU 18 18 18 GLU GLU A . n 
A 1 19 PRO 19 19 19 PRO PRO A . n 
A 1 20 CYS 20 20 20 CYS CYS A . n 
A 1 21 SER 21 21 21 SER SER A . n 
A 1 22 SER 22 22 22 SER SER A . n 
A 1 23 GLY 23 23 23 GLY GLY A . n 
A 1 24 THR 24 24 24 THR THR A . n 
A 1 25 TYR 25 25 25 TYR TYR A . n 
A 1 26 GLU 26 26 26 GLU GLU A . n 
A 1 27 GLY 27 27 27 GLY GLY A . n 
A 1 28 ASN 28 28 28 ASN ASN A . n 
A 1 29 SER 29 29 29 SER SER A . n 
A 1 30 PRO 30 30 30 PRO PRO A . n 
A 1 31 PHE 31 31 31 PHE PHE A . n 
A 1 32 HIS 32 32 32 HIS HIS A . n 
A 1 33 PRO 33 33 33 PRO PRO A . n 
A 1 34 LEU 34 34 34 LEU LEU A . n 
A 1 35 ALA 35 35 35 ALA ALA A . n 
A 1 36 ASP 36 36 36 ASP ASP A . n 
A 1 37 ASN 37 37 37 ASN ASN A . n 
A 1 38 LYS 38 38 38 LYS LYS A . n 
A 1 39 PHE 39 39 39 PHE PHE A . n 
A 1 40 ALA 40 40 40 ALA ALA A . n 
A 1 41 LEU 41 41 41 LEU LEU A . n 
A 1 42 THR 42 42 42 THR THR A . n 
A 1 43 CYS 43 43 43 CYS CYS A . n 
A 1 44 PHE 44 44 44 PHE PHE A . n 
A 1 45 SER 45 45 45 SER SER A . n 
A 1 46 THR 46 46 46 THR THR A . n 
A 1 47 GLN 47 47 47 GLN GLN A . n 
A 1 48 PHE 48 48 48 PHE PHE A . n 
A 1 49 ALA 49 49 49 ALA ALA A . n 
A 1 50 PHE 50 50 50 PHE PHE A . n 
A 1 51 ALA 51 51 51 ALA ALA A . n 
A 1 52 CYS 52 52 52 CYS CYS A . n 
A 1 53 PRO 53 53 53 PRO PRO A . n 
A 1 54 ASP 54 54 54 ASP ASP A . n 
A 1 55 GLY 55 55 55 GLY GLY A . n 
A 1 56 VAL 56 56 56 VAL VAL A . n 
A 1 57 LYS 57 57 57 LYS LYS A . n 
A 1 58 HIS 58 58 58 HIS HIS A . n 
A 1 59 VAL 59 59 59 VAL VAL A . n 
A 1 60 TYR 60 60 60 TYR TYR A . n 
A 1 61 GLN 61 61 61 GLN GLN A . n 
A 1 62 LEU 62 62 62 LEU LEU A . n 
A 1 63 ARG 63 63 63 ARG ARG A . n 
A 1 64 ALA 64 64 64 ALA ALA A . n 
A 1 65 ARG 65 65 65 ARG ARG A . n 
A 1 66 SER 66 66 66 SER SER A . n 
A 1 67 VAL 67 67 ?  ?   ?   A . n 
# 
loop_
_pdbx_nonpoly_scheme.asym_id 
_pdbx_nonpoly_scheme.entity_id 
_pdbx_nonpoly_scheme.mon_id 
_pdbx_nonpoly_scheme.ndb_seq_num 
_pdbx_nonpoly_scheme.pdb_seq_num 
_pdbx_nonpoly_scheme.auth_seq_num 
_pdbx_nonpoly_scheme.pdb_mon_id 
_pdbx_nonpoly_scheme.auth_mon_id 
_pdbx_nonpoly_scheme.pdb_strand_id 
_pdbx_nonpoly_scheme.pdb_ins_code 
B 2 HOH 1 101 1 HOH HOH A . 
B 2 HOH 2 102 3 HOH HOH A . 
B 2 HOH 3 103 2 HOH HOH A . 
# 
loop_
_software.citation_id 
_software.classification 
_software.compiler_name 
_software.compiler_version 
_software.contact_author 
_software.contact_author_email 
_software.date 
_software.description 
_software.dependencies 
_software.hardware 
_software.language 
_software.location 
_software.mods 
_software.name 
_software.os 
_software.os_version 
_software.type 
_software.version 
_software.pdbx_ordinal 
? refinement        ? ? ? ? ? ? ? ? ? ? ? PHENIX      ? ? ? 1.17.1_3660 1 
? 'data reduction'  ? ? ? ? ? ? ? ? ? ? ? XDS         ? ? ? .           2 
? 'data scaling'    ? ? ? ? ? ? ? ? ? ? ? Aimless     ? ? ? 0.7.4       3 
? phasing           ? ? ? ? ? ? ? ? ? ? ? PHASER      ? ? ? 2.8.3       4 
? 'data extraction' ? ? ? ? ? ? ? ? ? ? ? PDB_EXTRACT ? ? ? 3.25        5 
# 
_cell.angle_alpha                  90.000 
_cell.angle_alpha_esd              ? 
_cell.angle_beta                   90.000 
_cell.angle_beta_esd               ? 
_cell.angle_gamma                  120.000 
_cell.angle_gamma_esd              ? 
_cell.entry_id                     6W37 
_cell.details                      ? 
_cell.formula_units_Z              ? 
_cell.length_a                     57.393 
_cell.length_a_esd                 ? 
_cell.length_b                     57.393 
_cell.length_b_esd                 ? 
_cell.length_c                     55.918 
_cell.length_c_esd                 ? 
_cell.volume                       159514.481 
_cell.volume_esd                   ? 
_cell.Z_PDB                        6 
_cell.reciprocal_angle_alpha       ? 
_cell.reciprocal_angle_beta        ? 
_cell.reciprocal_angle_gamma       ? 
_cell.reciprocal_angle_alpha_esd   ? 
_cell.reciprocal_angle_beta_esd    ? 
_cell.reciprocal_angle_gamma_esd   ? 
_cell.reciprocal_length_a          ? 
_cell.reciprocal_length_b          ? 
_cell.reciprocal_length_c          ? 
_cell.reciprocal_length_a_esd      ? 
_cell.reciprocal_length_b_esd      ? 
_cell.reciprocal_length_c_esd      ? 
_cell.pdbx_unique_axis             ? 
# 
_symmetry.entry_id                         6W37 
_symmetry.cell_setting                     ? 
_symmetry.Int_Tables_number                152 
_symmetry.space_group_name_Hall            
;P 31 2"
;
_symmetry.space_group_name_H-M             'P 31 2 1' 
_symmetry.pdbx_full_space_group_name_H-M   ? 
# 
_exptl.absorpt_coefficient_mu     ? 
_exptl.absorpt_correction_T_max   ? 
_exptl.absorpt_correction_T_min   ? 
_exptl.absorpt_correction_type    ? 
_exptl.absorpt_process_details    ? 
_exptl.entry_id                   6W37 
_exptl.crystals_number            1 
_exptl.details                    ? 
_exptl.method                     'X-RAY DIFFRACTION' 
_exptl.method_details             ? 
# 
_exptl_crystal.colour                      ? 
_exptl_crystal.density_diffrn              ? 
_exptl_crystal.density_Matthews            3.53 
_exptl_crystal.density_method              ? 
_exptl_crystal.density_percent_sol         65.12 
_exptl_crystal.description                 'Long thin needles.' 
_exptl_crystal.F_000                       ? 
_exptl_crystal.id                          1 
_exptl_crystal.preparation                 ? 
_exptl_crystal.size_max                    ? 
_exptl_crystal.size_mid                    ? 
_exptl_crystal.size_min                    ? 
_exptl_crystal.size_rad                    ? 
_exptl_crystal.colour_lustre               ? 
_exptl_crystal.colour_modifier             ? 
_exptl_crystal.colour_primary              ? 
_exptl_crystal.density_meas                ? 
_exptl_crystal.density_meas_esd            ? 
_exptl_crystal.density_meas_gt             ? 
_exptl_crystal.density_meas_lt             ? 
_exptl_crystal.density_meas_temp           ? 
_exptl_crystal.density_meas_temp_esd       ? 
_exptl_crystal.density_meas_temp_gt        ? 
_exptl_crystal.density_meas_temp_lt        ? 
_exptl_crystal.pdbx_crystal_image_url      ? 
_exptl_crystal.pdbx_crystal_image_format   ? 
_exptl_crystal.pdbx_mosaicity              ? 
_exptl_crystal.pdbx_mosaicity_esd          ? 
# 
_exptl_crystal_grow.apparatus       ? 
_exptl_crystal_grow.atmosphere      ? 
_exptl_crystal_grow.crystal_id      1 
_exptl_crystal_grow.details         ? 
_exptl_crystal_grow.method          'VAPOR DIFFUSION, HANGING DROP' 
_exptl_crystal_grow.method_ref      ? 
_exptl_crystal_grow.pH              5.2 
_exptl_crystal_grow.pressure        ? 
_exptl_crystal_grow.pressure_esd    ? 
_exptl_crystal_grow.seeding         ? 
_exptl_crystal_grow.seeding_ref     ? 
_exptl_crystal_grow.temp            293 
_exptl_crystal_grow.temp_details    ? 
_exptl_crystal_grow.temp_esd        ? 
_exptl_crystal_grow.time            ? 
_exptl_crystal_grow.pdbx_details    '20% PEG 4000, 0.2 M CaCl2, 0.1M  Tris-HCl pH8.5' 
_exptl_crystal_grow.pdbx_pH_range   ? 
# 
_diffrn.ambient_environment              ? 
_diffrn.ambient_temp                     100 
_diffrn.ambient_temp_details             ? 
_diffrn.ambient_temp_esd                 ? 
_diffrn.crystal_id                       1 
_diffrn.crystal_support                  ? 
_diffrn.crystal_treatment                ? 
_diffrn.details                          ? 
_diffrn.id                               1 
_diffrn.ambient_pressure                 ? 
_diffrn.ambient_pressure_esd             ? 
_diffrn.ambient_pressure_gt              ? 
_diffrn.ambient_pressure_lt              ? 
_diffrn.ambient_temp_gt                  ? 
_diffrn.ambient_temp_lt                  ? 
_diffrn.pdbx_serial_crystal_experiment   N 
# 
_diffrn_detector.details                      ? 
_diffrn_detector.detector                     CCD 
_diffrn_detector.diffrn_id                    1 
_diffrn_detector.type                         'RAYONIX MX-300' 
_diffrn_detector.area_resol_mean              ? 
_diffrn_detector.dtime                        ? 
_diffrn_detector.pdbx_frames_total            ? 
_diffrn_detector.pdbx_collection_time_total   ? 
_diffrn_detector.pdbx_collection_date         2020-02-17 
_diffrn_detector.pdbx_frequency               ? 
# 
_diffrn_radiation.collimation                      ? 
_diffrn_radiation.diffrn_id                        1 
_diffrn_radiation.filter_edge                      ? 
_diffrn_radiation.inhomogeneity                    ? 
_diffrn_radiation.monochromator                    ? 
_diffrn_radiation.polarisn_norm                    ? 
_diffrn_radiation.polarisn_ratio                   ? 
_diffrn_radiation.probe                            ? 
_diffrn_radiation.type                             ? 
_diffrn_radiation.xray_symbol                      ? 
_diffrn_radiation.wavelength_id                    1 
_diffrn_radiation.pdbx_monochromatic_or_laue_m_l   M 
_diffrn_radiation.pdbx_wavelength_list             ? 
_diffrn_radiation.pdbx_wavelength                  ? 
_diffrn_radiation.pdbx_diffrn_protocol             'SINGLE WAVELENGTH' 
_diffrn_radiation.pdbx_analyzer                    ? 
_diffrn_radiation.pdbx_scattering_type             x-ray 
# 
_diffrn_radiation_wavelength.id           1 
_diffrn_radiation_wavelength.wavelength   0.97857 
_diffrn_radiation_wavelength.wt           1.0 
# 
_diffrn_source.current                     ? 
_diffrn_source.details                     ? 
_diffrn_source.diffrn_id                   1 
_diffrn_source.power                       ? 
_diffrn_source.size                        ? 
_diffrn_source.source                      SYNCHROTRON 
_diffrn_source.target                      ? 
_diffrn_source.type                        'APS BEAMLINE 21-ID-G' 
_diffrn_source.voltage                     ? 
_diffrn_source.take-off_angle              ? 
_diffrn_source.pdbx_wavelength_list        0.97857 
_diffrn_source.pdbx_wavelength             ? 
_diffrn_source.pdbx_synchrotron_beamline   21-ID-G 
_diffrn_source.pdbx_synchrotron_site       APS 
# 
_reflns.B_iso_Wilson_estimate            ? 
_reflns.entry_id                         6W37 
_reflns.data_reduction_details           ? 
_reflns.data_reduction_method            ? 
_reflns.d_resolution_high                2.900 
_reflns.d_resolution_low                 37.150 
_reflns.details                          ? 
_reflns.limit_h_max                      ? 
_reflns.limit_h_min                      ? 
_reflns.limit_k_max                      ? 
_reflns.limit_k_min                      ? 
_reflns.limit_l_max                      ? 
_reflns.limit_l_min                      ? 
_reflns.number_all                       ? 
_reflns.number_obs                       2553 
_reflns.observed_criterion               ? 
_reflns.observed_criterion_F_max         ? 
_reflns.observed_criterion_F_min         ? 
_reflns.observed_criterion_I_max         ? 
_reflns.observed_criterion_I_min         ? 
_reflns.observed_criterion_sigma_F       ? 
_reflns.observed_criterion_sigma_I       ? 
_reflns.percent_possible_obs             99.900 
_reflns.R_free_details                   ? 
_reflns.Rmerge_F_all                     ? 
_reflns.Rmerge_F_obs                     ? 
_reflns.Friedel_coverage                 ? 
_reflns.number_gt                        ? 
_reflns.threshold_expression             ? 
_reflns.pdbx_redundancy                  9.900 
_reflns.pdbx_Rmerge_I_obs                0.249 
_reflns.pdbx_Rmerge_I_all                ? 
_reflns.pdbx_Rsym_value                  ? 
_reflns.pdbx_netI_over_av_sigmaI         ? 
_reflns.pdbx_netI_over_sigmaI            9.800 
_reflns.pdbx_res_netI_over_av_sigmaI_2   ? 
_reflns.pdbx_res_netI_over_sigmaI_2      ? 
_reflns.pdbx_chi_squared                 ? 
_reflns.pdbx_scaling_rejects             ? 
_reflns.pdbx_d_res_high_opt              ? 
_reflns.pdbx_d_res_low_opt               ? 
_reflns.pdbx_d_res_opt_method            ? 
_reflns.phase_calculation_details        ? 
_reflns.pdbx_Rrim_I_all                  0.263 
_reflns.pdbx_Rpim_I_all                  0.083 
_reflns.pdbx_d_opt                       ? 
_reflns.pdbx_number_measured_all         ? 
_reflns.pdbx_diffrn_id                   1 
_reflns.pdbx_ordinal                     1 
_reflns.pdbx_CC_half                     0.992 
_reflns.pdbx_CC_star                     ? 
_reflns.pdbx_R_split                     ? 
# 
loop_
_reflns_shell.d_res_high 
_reflns_shell.d_res_low 
_reflns_shell.meanI_over_sigI_all 
_reflns_shell.meanI_over_sigI_obs 
_reflns_shell.number_measured_all 
_reflns_shell.number_measured_obs 
_reflns_shell.number_possible 
_reflns_shell.number_unique_all 
_reflns_shell.number_unique_obs 
_reflns_shell.percent_possible_all 
_reflns_shell.percent_possible_obs 
_reflns_shell.Rmerge_F_all 
_reflns_shell.Rmerge_F_obs 
_reflns_shell.Rmerge_I_all 
_reflns_shell.Rmerge_I_obs 
_reflns_shell.meanI_over_sigI_gt 
_reflns_shell.meanI_over_uI_all 
_reflns_shell.meanI_over_uI_gt 
_reflns_shell.number_measured_gt 
_reflns_shell.number_unique_gt 
_reflns_shell.percent_possible_gt 
_reflns_shell.Rmerge_F_gt 
_reflns_shell.Rmerge_I_gt 
_reflns_shell.pdbx_redundancy 
_reflns_shell.pdbx_Rsym_value 
_reflns_shell.pdbx_chi_squared 
_reflns_shell.pdbx_netI_over_sigmaI_all 
_reflns_shell.pdbx_netI_over_sigmaI_obs 
_reflns_shell.pdbx_Rrim_I_all 
_reflns_shell.pdbx_Rpim_I_all 
_reflns_shell.pdbx_rejects 
_reflns_shell.pdbx_ordinal 
_reflns_shell.pdbx_diffrn_id 
_reflns_shell.pdbx_CC_half 
_reflns_shell.pdbx_CC_star 
_reflns_shell.pdbx_R_split 
2.900 3.080  ? ? 4257 ? ? ? 399 100.000 ? ? ? ? 1.042 ? ? ? ? ? ? ? ? 10.700 ? ? ? 2.600  1.096 0.335 ? 1 1 0.615 ? ? 
8.700 37.140 ? ? 846  ? ? ? 116 98.600  ? ? ? ? 0.088 ? ? ? ? ? ? ? ? 7.300  ? ? ? 19.900 0.095 0.034 ? 2 1 0.992 ? ? 
# 
_refine.aniso_B[1][1]                            ? 
_refine.aniso_B[1][2]                            ? 
_refine.aniso_B[1][3]                            ? 
_refine.aniso_B[2][2]                            ? 
_refine.aniso_B[2][3]                            ? 
_refine.aniso_B[3][3]                            ? 
_refine.B_iso_max                                ? 
_refine.B_iso_mean                               37.64 
_refine.B_iso_min                                ? 
_refine.correlation_coeff_Fo_to_Fc               ? 
_refine.correlation_coeff_Fo_to_Fc_free          ? 
_refine.details                                  ? 
_refine.diff_density_max                         ? 
_refine.diff_density_max_esd                     ? 
_refine.diff_density_min                         ? 
_refine.diff_density_min_esd                     ? 
_refine.diff_density_rms                         ? 
_refine.diff_density_rms_esd                     ? 
_refine.entry_id                                 6W37 
_refine.pdbx_refine_id                           'X-RAY DIFFRACTION' 
_refine.ls_abs_structure_details                 ? 
_refine.ls_abs_structure_Flack                   ? 
_refine.ls_abs_structure_Flack_esd               ? 
_refine.ls_abs_structure_Rogers                  ? 
_refine.ls_abs_structure_Rogers_esd              ? 
_refine.ls_d_res_high                            2.90 
_refine.ls_d_res_low                             37.15 
_refine.ls_extinction_coef                       ? 
_refine.ls_extinction_coef_esd                   ? 
_refine.ls_extinction_expression                 ? 
_refine.ls_extinction_method                     ? 
_refine.ls_goodness_of_fit_all                   ? 
_refine.ls_goodness_of_fit_all_esd               ? 
_refine.ls_goodness_of_fit_obs                   ? 
_refine.ls_goodness_of_fit_obs_esd               ? 
_refine.ls_hydrogen_treatment                    ? 
_refine.ls_matrix_type                           ? 
_refine.ls_number_constraints                    ? 
_refine.ls_number_parameters                     ? 
_refine.ls_number_reflns_all                     ? 
_refine.ls_number_reflns_obs                     2541 
_refine.ls_number_reflns_R_free                  262 
_refine.ls_number_reflns_R_work                  ? 
_refine.ls_number_restraints                     ? 
_refine.ls_percent_reflns_obs                    99.92 
_refine.ls_percent_reflns_R_free                 10.31 
_refine.ls_R_factor_all                          ? 
_refine.ls_R_factor_obs                          0.2551 
_refine.ls_R_factor_R_free                       0.2680 
_refine.ls_R_factor_R_free_error                 ? 
_refine.ls_R_factor_R_free_error_details         ? 
_refine.ls_R_factor_R_work                       0.2359 
_refine.ls_R_Fsqd_factor_obs                     ? 
_refine.ls_R_I_factor_obs                        ? 
_refine.ls_redundancy_reflns_all                 ? 
_refine.ls_redundancy_reflns_obs                 ? 
_refine.ls_restrained_S_all                      ? 
_refine.ls_restrained_S_obs                      ? 
_refine.ls_shift_over_esd_max                    ? 
_refine.ls_shift_over_esd_mean                   ? 
_refine.ls_structure_factor_coef                 ? 
_refine.ls_weighting_details                     ? 
_refine.ls_weighting_scheme                      ? 
_refine.ls_wR_factor_all                         ? 
_refine.ls_wR_factor_obs                         ? 
_refine.ls_wR_factor_R_free                      ? 
_refine.ls_wR_factor_R_work                      ? 
_refine.occupancy_max                            ? 
_refine.occupancy_min                            ? 
_refine.solvent_model_details                    ? 
_refine.solvent_model_param_bsol                 ? 
_refine.solvent_model_param_ksol                 ? 
_refine.pdbx_R_complete                          ? 
_refine.ls_R_factor_gt                           ? 
_refine.ls_goodness_of_fit_gt                    ? 
_refine.ls_goodness_of_fit_ref                   ? 
_refine.ls_shift_over_su_max                     ? 
_refine.ls_shift_over_su_max_lt                  ? 
_refine.ls_shift_over_su_mean                    ? 
_refine.ls_shift_over_su_mean_lt                 ? 
_refine.pdbx_ls_sigma_I                          ? 
_refine.pdbx_ls_sigma_F                          ? 
_refine.pdbx_ls_sigma_Fsqd                       ? 
_refine.pdbx_data_cutoff_high_absF               ? 
_refine.pdbx_data_cutoff_high_rms_absF           ? 
_refine.pdbx_data_cutoff_low_absF                ? 
_refine.pdbx_isotropic_thermal_model             ? 
_refine.pdbx_ls_cross_valid_method               THROUGHOUT 
_refine.pdbx_method_to_determine_struct          'MOLECULAR REPLACEMENT' 
_refine.pdbx_starting_model                      1XAK 
_refine.pdbx_stereochemistry_target_values       ? 
_refine.pdbx_R_Free_selection_details            ? 
_refine.pdbx_stereochem_target_val_spec_case     ? 
_refine.pdbx_overall_ESU_R                       ? 
_refine.pdbx_overall_ESU_R_Free                  ? 
_refine.pdbx_solvent_vdw_probe_radii             ? 
_refine.pdbx_solvent_ion_probe_radii             ? 
_refine.pdbx_solvent_shrinkage_radii             ? 
_refine.pdbx_real_space_R                        ? 
_refine.pdbx_density_correlation                 ? 
_refine.pdbx_pd_number_of_powder_patterns        ? 
_refine.pdbx_pd_number_of_points                 ? 
_refine.pdbx_pd_meas_number_of_points            ? 
_refine.pdbx_pd_proc_ls_prof_R_factor            ? 
_refine.pdbx_pd_proc_ls_prof_wR_factor           ? 
_refine.pdbx_pd_Marquardt_correlation_coeff      ? 
_refine.pdbx_pd_Fsqrd_R_factor                   ? 
_refine.pdbx_pd_ls_matrix_band_width             ? 
_refine.pdbx_overall_phase_error                 ? 
_refine.pdbx_overall_SU_R_free_Cruickshank_DPI   ? 
_refine.pdbx_overall_SU_R_free_Blow_DPI          ? 
_refine.pdbx_overall_SU_R_Blow_DPI               ? 
_refine.pdbx_TLS_residual_ADP_flag               ? 
_refine.pdbx_diffrn_id                           1 
_refine.overall_SU_B                             ? 
_refine.overall_SU_ML                            ? 
_refine.overall_SU_R_Cruickshank_DPI             ? 
_refine.overall_SU_R_free                        ? 
_refine.overall_FOM_free_R_set                   ? 
_refine.overall_FOM_work_R_set                   ? 
_refine.pdbx_average_fsc_overall                 ? 
_refine.pdbx_average_fsc_work                    ? 
_refine.pdbx_average_fsc_free                    ? 
# 
_refine_hist.pdbx_refine_id                   'X-RAY DIFFRACTION' 
_refine_hist.cycle_id                         LAST 
_refine_hist.details                          ? 
_refine_hist.d_res_high                       2.90 
_refine_hist.d_res_low                        37.15 
_refine_hist.number_atoms_solvent             3 
_refine_hist.number_atoms_total               525 
_refine_hist.number_reflns_all                ? 
_refine_hist.number_reflns_obs                ? 
_refine_hist.number_reflns_R_free             ? 
_refine_hist.number_reflns_R_work             ? 
_refine_hist.R_factor_all                     ? 
_refine_hist.R_factor_obs                     ? 
_refine_hist.R_factor_R_free                  ? 
_refine_hist.R_factor_R_work                  ? 
_refine_hist.pdbx_number_residues_total       ? 
_refine_hist.pdbx_B_iso_mean_ligand           ? 
_refine_hist.pdbx_B_iso_mean_solvent          ? 
_refine_hist.pdbx_number_atoms_protein        522 
_refine_hist.pdbx_number_atoms_nucleic_acid   0 
_refine_hist.pdbx_number_atoms_ligand         0 
_refine_hist.pdbx_number_atoms_lipid          ? 
_refine_hist.pdbx_number_atoms_carb           ? 
_refine_hist.pdbx_pseudo_atom_details         ? 
# 
loop_
_refine_ls_restr.pdbx_refine_id 
_refine_ls_restr.criterion 
_refine_ls_restr.dev_ideal 
_refine_ls_restr.dev_ideal_target 
_refine_ls_restr.number 
_refine_ls_restr.rejects 
_refine_ls_restr.type 
_refine_ls_restr.weight 
_refine_ls_restr.pdbx_restraint_function 
'X-RAY DIFFRACTION' ? 0.0013 ? 537 ? f_bond_d           ? ? 
'X-RAY DIFFRACTION' ? 0.4127 ? 728 ? f_angle_d          ? ? 
'X-RAY DIFFRACTION' ? 0.0392 ? 77  ? f_chiral_restr     ? ? 
'X-RAY DIFFRACTION' ? 0.0018 ? 95  ? f_plane_restr      ? ? 
'X-RAY DIFFRACTION' ? 7.6375 ? 191 ? f_dihedral_angle_d ? ? 
# 
_refine_ls_shell.pdbx_refine_id                   'X-RAY DIFFRACTION' 
_refine_ls_shell.d_res_high                       2.90 
_refine_ls_shell.d_res_low                        37.15 
_refine_ls_shell.number_reflns_all                ? 
_refine_ls_shell.number_reflns_obs                ? 
_refine_ls_shell.number_reflns_R_free             ? 
_refine_ls_shell.number_reflns_R_work             2541 
_refine_ls_shell.percent_reflns_obs               99.92 
_refine_ls_shell.percent_reflns_R_free            ? 
_refine_ls_shell.R_factor_all                     ? 
_refine_ls_shell.R_factor_obs                     ? 
_refine_ls_shell.R_factor_R_free                  ? 
_refine_ls_shell.R_factor_R_free_error            ? 
_refine_ls_shell.R_factor_R_work                  ? 
_refine_ls_shell.redundancy_reflns_all            ? 
_refine_ls_shell.redundancy_reflns_obs            ? 
_refine_ls_shell.wR_factor_all                    ? 
_refine_ls_shell.wR_factor_obs                    ? 
_refine_ls_shell.wR_factor_R_free                 ? 
_refine_ls_shell.wR_factor_R_work                 ? 
_refine_ls_shell.pdbx_R_complete                  ? 
_refine_ls_shell.pdbx_total_number_of_bins_used   ? 
_refine_ls_shell.pdbx_phase_error                 ? 
_refine_ls_shell.pdbx_fsc_work                    ? 
_refine_ls_shell.pdbx_fsc_free                    ? 
# 
_struct.entry_id                     6W37 
_struct.title                        'STRUCTURE OF THE SARS-CoV-2 ORF7A ENCODED ACCESSORY PROTEIN' 
_struct.pdbx_model_details           ? 
_struct.pdbx_formula_weight          ? 
_struct.pdbx_formula_weight_method   ? 
_struct.pdbx_model_type_details      ? 
_struct.pdbx_CASP_flag               N 
# 
_struct_keywords.entry_id        6W37 
_struct_keywords.text            
'Viral protein, structural genomics, Center for Structural Genomics of Infectious Diseases, CSGID, VIRUS' 
_struct_keywords.pdbx_keywords   'VIRAL PROTEIN' 
# 
loop_
_struct_asym.id 
_struct_asym.pdbx_blank_PDB_chainid_flag 
_struct_asym.pdbx_modified 
_struct_asym.entity_id 
_struct_asym.details 
A N N 1 ? 
B N N 2 ? 
# 
_struct_ref.id                         1 
_struct_ref.db_name                    UNP 
_struct_ref.db_code                    NS7A_SARS2 
_struct_ref.pdbx_db_accession          P0DTC7 
_struct_ref.pdbx_db_isoform            ? 
_struct_ref.entity_id                  1 
_struct_ref.pdbx_seq_one_letter_code   ELYHYQECVRGTTVLLKEPCSSGTYEGNSPFHPLADNKFALTCFSTQFAFACPDGVKHVYQLRARSV 
_struct_ref.pdbx_align_begin           16 
# 
_struct_ref_seq.align_id                      1 
_struct_ref_seq.ref_id                        1 
_struct_ref_seq.pdbx_PDB_id_code              6W37 
_struct_ref_seq.pdbx_strand_id                A 
_struct_ref_seq.seq_align_beg                 1 
_struct_ref_seq.pdbx_seq_align_beg_ins_code   ? 
_struct_ref_seq.seq_align_end                 67 
_struct_ref_seq.pdbx_seq_align_end_ins_code   ? 
_struct_ref_seq.pdbx_db_accession             P0DTC7 
_struct_ref_seq.db_align_beg                  16 
_struct_ref_seq.pdbx_db_align_beg_ins_code    ? 
_struct_ref_seq.db_align_end                  82 
_struct_ref_seq.pdbx_db_align_end_ins_code    ? 
_struct_ref_seq.pdbx_auth_seq_align_beg       1 
_struct_ref_seq.pdbx_auth_seq_align_end       67 
# 
_pdbx_struct_assembly.id                   1 
_pdbx_struct_assembly.details              author_and_software_defined_assembly 
_pdbx_struct_assembly.method_details       PISA 
_pdbx_struct_assembly.oligomeric_details   monomeric 
_pdbx_struct_assembly.oligomeric_count     1 
# 
_pdbx_struct_assembly_gen.assembly_id       1 
_pdbx_struct_assembly_gen.oper_expression   1 
_pdbx_struct_assembly_gen.asym_id_list      A,B 
# 
_pdbx_struct_assembly_auth_evidence.id                     1 
_pdbx_struct_assembly_auth_evidence.assembly_id            1 
_pdbx_struct_assembly_auth_evidence.experimental_support   none 
_pdbx_struct_assembly_auth_evidence.details                ? 
# 
_pdbx_struct_oper_list.id                   1 
_pdbx_struct_oper_list.type                 'identity operation' 
_pdbx_struct_oper_list.name                 1_555 
_pdbx_struct_oper_list.symmetry_operation   x,y,z 
_pdbx_struct_oper_list.matrix[1][1]         1.0000000000 
_pdbx_struct_oper_list.matrix[1][2]         0.0000000000 
_pdbx_struct_oper_list.matrix[1][3]         0.0000000000 
_pdbx_struct_oper_list.vector[1]            0.0000000000 
_pdbx_struct_oper_list.matrix[2][1]         0.0000000000 
_pdbx_struct_oper_list.matrix[2][2]         1.0000000000 
_pdbx_struct_oper_list.matrix[2][3]         0.0000000000 
_pdbx_struct_oper_list.vector[2]            0.0000000000 
_pdbx_struct_oper_list.matrix[3][1]         0.0000000000 
_pdbx_struct_oper_list.matrix[3][2]         0.0000000000 
_pdbx_struct_oper_list.matrix[3][3]         1.0000000000 
_pdbx_struct_oper_list.vector[3]            0.0000000000 
# 
loop_
_struct_conn.id 
_struct_conn.conn_type_id 
_struct_conn.pdbx_leaving_atom_flag 
_struct_conn.pdbx_PDB_id 
_struct_conn.ptnr1_label_asym_id 
_struct_conn.ptnr1_label_comp_id 
_struct_conn.ptnr1_label_seq_id 
_struct_conn.ptnr1_label_atom_id 
_struct_conn.pdbx_ptnr1_label_alt_id 
_struct_conn.pdbx_ptnr1_PDB_ins_code 
_struct_conn.pdbx_ptnr1_standard_comp_id 
_struct_conn.ptnr1_symmetry 
_struct_conn.ptnr2_label_asym_id 
_struct_conn.ptnr2_label_comp_id 
_struct_conn.ptnr2_label_seq_id 
_struct_conn.ptnr2_label_atom_id 
_struct_conn.pdbx_ptnr2_label_alt_id 
_struct_conn.pdbx_ptnr2_PDB_ins_code 
_struct_conn.ptnr1_auth_asym_id 
_struct_conn.ptnr1_auth_comp_id 
_struct_conn.ptnr1_auth_seq_id 
_struct_conn.ptnr2_auth_asym_id 
_struct_conn.ptnr2_auth_comp_id 
_struct_conn.ptnr2_auth_seq_id 
_struct_conn.ptnr2_symmetry 
_struct_conn.pdbx_ptnr3_label_atom_id 
_struct_conn.pdbx_ptnr3_label_seq_id 
_struct_conn.pdbx_ptnr3_label_comp_id 
_struct_conn.pdbx_ptnr3_label_asym_id 
_struct_conn.pdbx_ptnr3_label_alt_id 
_struct_conn.pdbx_ptnr3_PDB_ins_code 
_struct_conn.details 
_struct_conn.pdbx_dist_value 
_struct_conn.pdbx_value_order 
_struct_conn.pdbx_role 
disulf1 disulf ? ? A CYS 8  SG ? ? ? 1_555 A CYS 43 SG ? ? A CYS 8  A CYS 43 1_555 ? ? ? ? ? ? ? 2.030 ? ? 
disulf2 disulf ? ? A CYS 20 SG ? ? ? 1_555 A CYS 52 SG ? ? A CYS 20 A CYS 52 1_555 ? ? ? ? ? ? ? 2.030 ? ? 
# 
_struct_conn_type.id          disulf 
_struct_conn_type.criteria    ? 
_struct_conn_type.reference   ? 
# 
loop_
_pdbx_modification_feature.ordinal 
_pdbx_modification_feature.label_comp_id 
_pdbx_modification_feature.label_asym_id 
_pdbx_modification_feature.label_seq_id 
_pdbx_modification_feature.label_alt_id 
_pdbx_modification_feature.modified_residue_label_comp_id 
_pdbx_modification_feature.modified_residue_label_asym_id 
_pdbx_modification_feature.modified_residue_label_seq_id 
_pdbx_modification_feature.modified_residue_label_alt_id 
_pdbx_modification_feature.auth_comp_id 
_pdbx_modification_feature.auth_asym_id 
_pdbx_modification_feature.auth_seq_id 
_pdbx_modification_feature.PDB_ins_code 
_pdbx_modification_feature.symmetry 
_pdbx_modification_feature.modified_residue_auth_comp_id 
_pdbx_modification_feature.modified_residue_auth_asym_id 
_pdbx_modification_feature.modified_residue_auth_seq_id 
_pdbx_modification_feature.modified_residue_PDB_ins_code 
_pdbx_modification_feature.modified_residue_symmetry 
_pdbx_modification_feature.comp_id_linking_atom 
_pdbx_modification_feature.modified_residue_id_linking_atom 
_pdbx_modification_feature.modified_residue_id 
_pdbx_modification_feature.ref_pcm_id 
_pdbx_modification_feature.ref_comp_id 
_pdbx_modification_feature.type 
_pdbx_modification_feature.category 
1 CYS A 8  ? CYS A 43 ? CYS A 8  ? 1_555 CYS A 43 ? 1_555 SG SG . . . None 'Disulfide bridge' 
2 CYS A 20 ? CYS A 52 ? CYS A 20 ? 1_555 CYS A 52 ? 1_555 SG SG . . . None 'Disulfide bridge' 
# 
loop_
_struct_sheet.id 
_struct_sheet.type 
_struct_sheet.number_strands 
_struct_sheet.details 
AA1 ? 4 ? 
AA2 ? 3 ? 
# 
loop_
_struct_sheet_order.sheet_id 
_struct_sheet_order.range_id_1 
_struct_sheet_order.range_id_2 
_struct_sheet_order.offset 
_struct_sheet_order.sense 
AA1 1 2 ? parallel      
AA1 2 3 ? anti-parallel 
AA1 3 4 ? anti-parallel 
AA2 1 2 ? anti-parallel 
AA2 2 3 ? anti-parallel 
# 
loop_
_struct_sheet_range.sheet_id 
_struct_sheet_range.id 
_struct_sheet_range.beg_label_comp_id 
_struct_sheet_range.beg_label_asym_id 
_struct_sheet_range.beg_label_seq_id 
_struct_sheet_range.pdbx_beg_PDB_ins_code 
_struct_sheet_range.end_label_comp_id 
_struct_sheet_range.end_label_asym_id 
_struct_sheet_range.end_label_seq_id 
_struct_sheet_range.pdbx_end_PDB_ins_code 
_struct_sheet_range.beg_auth_comp_id 
_struct_sheet_range.beg_auth_asym_id 
_struct_sheet_range.beg_auth_seq_id 
_struct_sheet_range.end_auth_comp_id 
_struct_sheet_range.end_auth_asym_id 
_struct_sheet_range.end_auth_seq_id 
AA1 1 GLN A 6  ? VAL A 9  ? GLN A 6  VAL A 9  
AA1 2 LYS A 57 ? ARG A 65 ? LYS A 57 ARG A 65 
AA1 3 THR A 46 ? ALA A 51 ? THR A 46 ALA A 51 
AA1 4 THR A 24 ? GLU A 26 ? THR A 24 GLU A 26 
AA2 1 THR A 13 ? LYS A 17 ? THR A 13 LYS A 17 
AA2 2 LYS A 38 ? THR A 42 ? LYS A 38 THR A 42 
AA2 3 HIS A 32 ? LEU A 34 ? HIS A 32 LEU A 34 
# 
loop_
_pdbx_struct_sheet_hbond.sheet_id 
_pdbx_struct_sheet_hbond.range_id_1 
_pdbx_struct_sheet_hbond.range_id_2 
_pdbx_struct_sheet_hbond.range_1_label_atom_id 
_pdbx_struct_sheet_hbond.range_1_label_comp_id 
_pdbx_struct_sheet_hbond.range_1_label_asym_id 
_pdbx_struct_sheet_hbond.range_1_label_seq_id 
_pdbx_struct_sheet_hbond.range_1_PDB_ins_code 
_pdbx_struct_sheet_hbond.range_1_auth_atom_id 
_pdbx_struct_sheet_hbond.range_1_auth_comp_id 
_pdbx_struct_sheet_hbond.range_1_auth_asym_id 
_pdbx_struct_sheet_hbond.range_1_auth_seq_id 
_pdbx_struct_sheet_hbond.range_2_label_atom_id 
_pdbx_struct_sheet_hbond.range_2_label_comp_id 
_pdbx_struct_sheet_hbond.range_2_label_asym_id 
_pdbx_struct_sheet_hbond.range_2_label_seq_id 
_pdbx_struct_sheet_hbond.range_2_PDB_ins_code 
_pdbx_struct_sheet_hbond.range_2_auth_atom_id 
_pdbx_struct_sheet_hbond.range_2_auth_comp_id 
_pdbx_struct_sheet_hbond.range_2_auth_asym_id 
_pdbx_struct_sheet_hbond.range_2_auth_seq_id 
AA1 1 2 N CYS A 8  ? N CYS A 8  O ARG A 63 ? O ARG A 63 
AA1 2 3 O TYR A 60 ? O TYR A 60 N PHE A 48 ? N PHE A 48 
AA1 3 4 O ALA A 51 ? O ALA A 51 N THR A 24 ? N THR A 24 
AA2 1 2 N LEU A 16 ? N LEU A 16 O PHE A 39 ? O PHE A 39 
AA2 2 3 O LYS A 38 ? O LYS A 38 N LEU A 34 ? N LEU A 34 
# 
_pdbx_entry_details.entry_id                   6W37 
_pdbx_entry_details.compound_details           ? 
_pdbx_entry_details.source_details             ? 
_pdbx_entry_details.nonpolymer_details         ? 
_pdbx_entry_details.sequence_details           ? 
_pdbx_entry_details.has_ligand_of_interest     ? 
_pdbx_entry_details.has_protein_modification   Y 
# 
loop_
_pdbx_validate_torsion.id 
_pdbx_validate_torsion.PDB_model_num 
_pdbx_validate_torsion.auth_comp_id 
_pdbx_validate_torsion.auth_asym_id 
_pdbx_validate_torsion.auth_seq_id 
_pdbx_validate_torsion.PDB_ins_code 
_pdbx_validate_torsion.label_alt_id 
_pdbx_validate_torsion.phi 
_pdbx_validate_torsion.psi 
1 1 GLN A 6  ? ? -170.22 143.25 
2 1 SER A 22 ? ? -103.16 -86.92 
3 1 PHE A 44 ? ? -174.06 135.11 
# 
_pdbx_SG_project.id                    1 
_pdbx_SG_project.project_name          'NIAID, National Institute of Allergy and Infectious Diseases' 
_pdbx_SG_project.full_name_of_center   'Center for Structural Genomics of Infectious Diseases' 
_pdbx_SG_project.initial_of_center     CSGID 
# 
_pdbx_phasing_MR.entry_id                     6W37 
_pdbx_phasing_MR.method_rotation              ? 
_pdbx_phasing_MR.method_translation           ? 
_pdbx_phasing_MR.model_details                ? 
_pdbx_phasing_MR.R_factor                     ? 
_pdbx_phasing_MR.R_rigid_body                 ? 
_pdbx_phasing_MR.correlation_coeff_Fo_to_Fc   ? 
_pdbx_phasing_MR.correlation_coeff_Io_to_Ic   ? 
_pdbx_phasing_MR.d_res_high_rotation          4.490 
_pdbx_phasing_MR.d_res_low_rotation           37.150 
_pdbx_phasing_MR.d_res_high_translation       4.490 
_pdbx_phasing_MR.d_res_low_translation        37.150 
_pdbx_phasing_MR.packing                      ? 
_pdbx_phasing_MR.reflns_percent_rotation      ? 
_pdbx_phasing_MR.reflns_percent_translation   ? 
_pdbx_phasing_MR.sigma_F_rotation             ? 
_pdbx_phasing_MR.sigma_F_translation          ? 
_pdbx_phasing_MR.sigma_I_rotation             ? 
_pdbx_phasing_MR.sigma_I_translation          ? 
# 
_phasing.method   MR 
# 
_pdbx_unobs_or_zero_occ_residues.id               1 
_pdbx_unobs_or_zero_occ_residues.PDB_model_num    1 
_pdbx_unobs_or_zero_occ_residues.polymer_flag     Y 
_pdbx_unobs_or_zero_occ_residues.occupancy_flag   1 
_pdbx_unobs_or_zero_occ_residues.auth_asym_id     A 
_pdbx_unobs_or_zero_occ_residues.auth_comp_id     VAL 
_pdbx_unobs_or_zero_occ_residues.auth_seq_id      67 
_pdbx_unobs_or_zero_occ_residues.PDB_ins_code     ? 
_pdbx_unobs_or_zero_occ_residues.label_asym_id    A 
_pdbx_unobs_or_zero_occ_residues.label_comp_id    VAL 
_pdbx_unobs_or_zero_occ_residues.label_seq_id     67 
# 
loop_
_chem_comp_atom.comp_id 
_chem_comp_atom.atom_id 
_chem_comp_atom.type_symbol 
_chem_comp_atom.pdbx_aromatic_flag 
_chem_comp_atom.pdbx_stereo_config 
_chem_comp_atom.pdbx_ordinal 
ALA N    N N N 1   
ALA CA   C N S 2   
ALA C    C N N 3   
ALA O    O N N 4   
ALA CB   C N N 5   
ALA OXT  O N N 6   
ALA H    H N N 7   
ALA H2   H N N 8   
ALA HA   H N N 9   
ALA HB1  H N N 10  
ALA HB2  H N N 11  
ALA HB3  H N N 12  
ALA HXT  H N N 13  
ARG N    N N N 14  
ARG CA   C N S 15  
ARG C    C N N 16  
ARG O    O N N 17  
ARG CB   C N N 18  
ARG CG   C N N 19  
ARG CD   C N N 20  
ARG NE   N N N 21  
ARG CZ   C N N 22  
ARG NH1  N N N 23  
ARG NH2  N N N 24  
ARG OXT  O N N 25  
ARG H    H N N 26  
ARG H2   H N N 27  
ARG HA   H N N 28  
ARG HB2  H N N 29  
ARG HB3  H N N 30  
ARG HG2  H N N 31  
ARG HG3  H N N 32  
ARG HD2  H N N 33  
ARG HD3  H N N 34  
ARG HE   H N N 35  
ARG HH11 H N N 36  
ARG HH12 H N N 37  
ARG HH21 H N N 38  
ARG HH22 H N N 39  
ARG HXT  H N N 40  
ASN N    N N N 41  
ASN CA   C N S 42  
ASN C    C N N 43  
ASN O    O N N 44  
ASN CB   C N N 45  
ASN CG   C N N 46  
ASN OD1  O N N 47  
ASN ND2  N N N 48  
ASN OXT  O N N 49  
ASN H    H N N 50  
ASN H2   H N N 51  
ASN HA   H N N 52  
ASN HB2  H N N 53  
ASN HB3  H N N 54  
ASN HD21 H N N 55  
ASN HD22 H N N 56  
ASN HXT  H N N 57  
ASP N    N N N 58  
ASP CA   C N S 59  
ASP C    C N N 60  
ASP O    O N N 61  
ASP CB   C N N 62  
ASP CG   C N N 63  
ASP OD1  O N N 64  
ASP OD2  O N N 65  
ASP OXT  O N N 66  
ASP H    H N N 67  
ASP H2   H N N 68  
ASP HA   H N N 69  
ASP HB2  H N N 70  
ASP HB3  H N N 71  
ASP HD2  H N N 72  
ASP HXT  H N N 73  
CYS N    N N N 74  
CYS CA   C N R 75  
CYS C    C N N 76  
CYS O    O N N 77  
CYS CB   C N N 78  
CYS SG   S N N 79  
CYS OXT  O N N 80  
CYS H    H N N 81  
CYS H2   H N N 82  
CYS HA   H N N 83  
CYS HB2  H N N 84  
CYS HB3  H N N 85  
CYS HG   H N N 86  
CYS HXT  H N N 87  
GLN N    N N N 88  
GLN CA   C N S 89  
GLN C    C N N 90  
GLN O    O N N 91  
GLN CB   C N N 92  
GLN CG   C N N 93  
GLN CD   C N N 94  
GLN OE1  O N N 95  
GLN NE2  N N N 96  
GLN OXT  O N N 97  
GLN H    H N N 98  
GLN H2   H N N 99  
GLN HA   H N N 100 
GLN HB2  H N N 101 
GLN HB3  H N N 102 
GLN HG2  H N N 103 
GLN HG3  H N N 104 
GLN HE21 H N N 105 
GLN HE22 H N N 106 
GLN HXT  H N N 107 
GLU N    N N N 108 
GLU CA   C N S 109 
GLU C    C N N 110 
GLU O    O N N 111 
GLU CB   C N N 112 
GLU CG   C N N 113 
GLU CD   C N N 114 
GLU OE1  O N N 115 
GLU OE2  O N N 116 
GLU OXT  O N N 117 
GLU H    H N N 118 
GLU H2   H N N 119 
GLU HA   H N N 120 
GLU HB2  H N N 121 
GLU HB3  H N N 122 
GLU HG2  H N N 123 
GLU HG3  H N N 124 
GLU HE2  H N N 125 
GLU HXT  H N N 126 
GLY N    N N N 127 
GLY CA   C N N 128 
GLY C    C N N 129 
GLY O    O N N 130 
GLY OXT  O N N 131 
GLY H    H N N 132 
GLY H2   H N N 133 
GLY HA2  H N N 134 
GLY HA3  H N N 135 
GLY HXT  H N N 136 
HIS N    N N N 137 
HIS CA   C N S 138 
HIS C    C N N 139 
HIS O    O N N 140 
HIS CB   C N N 141 
HIS CG   C Y N 142 
HIS ND1  N Y N 143 
HIS CD2  C Y N 144 
HIS CE1  C Y N 145 
HIS NE2  N Y N 146 
HIS OXT  O N N 147 
HIS H    H N N 148 
HIS H2   H N N 149 
HIS HA   H N N 150 
HIS HB2  H N N 151 
HIS HB3  H N N 152 
HIS HD1  H N N 153 
HIS HD2  H N N 154 
HIS HE1  H N N 155 
HIS HE2  H N N 156 
HIS HXT  H N N 157 
HOH O    O N N 158 
HOH H1   H N N 159 
HOH H2   H N N 160 
LEU N    N N N 161 
LEU CA   C N S 162 
LEU C    C N N 163 
LEU O    O N N 164 
LEU CB   C N N 165 
LEU CG   C N N 166 
LEU CD1  C N N 167 
LEU CD2  C N N 168 
LEU OXT  O N N 169 
LEU H    H N N 170 
LEU H2   H N N 171 
LEU HA   H N N 172 
LEU HB2  H N N 173 
LEU HB3  H N N 174 
LEU HG   H N N 175 
LEU HD11 H N N 176 
LEU HD12 H N N 177 
LEU HD13 H N N 178 
LEU HD21 H N N 179 
LEU HD22 H N N 180 
LEU HD23 H N N 181 
LEU HXT  H N N 182 
LYS N    N N N 183 
LYS CA   C N S 184 
LYS C    C N N 185 
LYS O    O N N 186 
LYS CB   C N N 187 
LYS CG   C N N 188 
LYS CD   C N N 189 
LYS CE   C N N 190 
LYS NZ   N N N 191 
LYS OXT  O N N 192 
LYS H    H N N 193 
LYS H2   H N N 194 
LYS HA   H N N 195 
LYS HB2  H N N 196 
LYS HB3  H N N 197 
LYS HG2  H N N 198 
LYS HG3  H N N 199 
LYS HD2  H N N 200 
LYS HD3  H N N 201 
LYS HE2  H N N 202 
LYS HE3  H N N 203 
LYS HZ1  H N N 204 
LYS HZ2  H N N 205 
LYS HZ3  H N N 206 
LYS HXT  H N N 207 
PHE N    N N N 208 
PHE CA   C N S 209 
PHE C    C N N 210 
PHE O    O N N 211 
PHE CB   C N N 212 
PHE CG   C Y N 213 
PHE CD1  C Y N 214 
PHE CD2  C Y N 215 
PHE CE1  C Y N 216 
PHE CE2  C Y N 217 
PHE CZ   C Y N 218 
PHE OXT  O N N 219 
PHE H    H N N 220 
PHE H2   H N N 221 
PHE HA   H N N 222 
PHE HB2  H N N 223 
PHE HB3  H N N 224 
PHE HD1  H N N 225 
PHE HD2  H N N 226 
PHE HE1  H N N 227 
PHE HE2  H N N 228 
PHE HZ   H N N 229 
PHE HXT  H N N 230 
PRO N    N N N 231 
PRO CA   C N S 232 
PRO C    C N N 233 
PRO O    O N N 234 
PRO CB   C N N 235 
PRO CG   C N N 236 
PRO CD   C N N 237 
PRO OXT  O N N 238 
PRO H    H N N 239 
PRO HA   H N N 240 
PRO HB2  H N N 241 
PRO HB3  H N N 242 
PRO HG2  H N N 243 
PRO HG3  H N N 244 
PRO HD2  H N N 245 
PRO HD3  H N N 246 
PRO HXT  H N N 247 
SER N    N N N 248 
SER CA   C N S 249 
SER C    C N N 250 
SER O    O N N 251 
SER CB   C N N 252 
SER OG   O N N 253 
SER OXT  O N N 254 
SER H    H N N 255 
SER H2   H N N 256 
SER HA   H N N 257 
SER HB2  H N N 258 
SER HB3  H N N 259 
SER HG   H N N 260 
SER HXT  H N N 261 
THR N    N N N 262 
THR CA   C N S 263 
THR C    C N N 264 
THR O    O N N 265 
THR CB   C N R 266 
THR OG1  O N N 267 
THR CG2  C N N 268 
THR OXT  O N N 269 
THR H    H N N 270 
THR H2   H N N 271 
THR HA   H N N 272 
THR HB   H N N 273 
THR HG1  H N N 274 
THR HG21 H N N 275 
THR HG22 H N N 276 
THR HG23 H N N 277 
THR HXT  H N N 278 
TYR N    N N N 279 
TYR CA   C N S 280 
TYR C    C N N 281 
TYR O    O N N 282 
TYR CB   C N N 283 
TYR CG   C Y N 284 
TYR CD1  C Y N 285 
TYR CD2  C Y N 286 
TYR CE1  C Y N 287 
TYR CE2  C Y N 288 
TYR CZ   C Y N 289 
TYR OH   O N N 290 
TYR OXT  O N N 291 
TYR H    H N N 292 
TYR H2   H N N 293 
TYR HA   H N N 294 
TYR HB2  H N N 295 
TYR HB3  H N N 296 
TYR HD1  H N N 297 
TYR HD2  H N N 298 
TYR HE1  H N N 299 
TYR HE2  H N N 300 
TYR HH   H N N 301 
TYR HXT  H N N 302 
VAL N    N N N 303 
VAL CA   C N S 304 
VAL C    C N N 305 
VAL O    O N N 306 
VAL CB   C N N 307 
VAL CG1  C N N 308 
VAL CG2  C N N 309 
VAL OXT  O N N 310 
VAL H    H N N 311 
VAL H2   H N N 312 
VAL HA   H N N 313 
VAL HB   H N N 314 
VAL HG11 H N N 315 
VAL HG12 H N N 316 
VAL HG13 H N N 317 
VAL HG21 H N N 318 
VAL HG22 H N N 319 
VAL HG23 H N N 320 
VAL HXT  H N N 321 
# 
loop_
_chem_comp_bond.comp_id 
_chem_comp_bond.atom_id_1 
_chem_comp_bond.atom_id_2 
_chem_comp_bond.value_order 
_chem_comp_bond.pdbx_aromatic_flag 
_chem_comp_bond.pdbx_stereo_config 
_chem_comp_bond.pdbx_ordinal 
ALA N   CA   sing N N 1   
ALA N   H    sing N N 2   
ALA N   H2   sing N N 3   
ALA CA  C    sing N N 4   
ALA CA  CB   sing N N 5   
ALA CA  HA   sing N N 6   
ALA C   O    doub N N 7   
ALA C   OXT  sing N N 8   
ALA CB  HB1  sing N N 9   
ALA CB  HB2  sing N N 10  
ALA CB  HB3  sing N N 11  
ALA OXT HXT  sing N N 12  
ARG N   CA   sing N N 13  
ARG N   H    sing N N 14  
ARG N   H2   sing N N 15  
ARG CA  C    sing N N 16  
ARG CA  CB   sing N N 17  
ARG CA  HA   sing N N 18  
ARG C   O    doub N N 19  
ARG C   OXT  sing N N 20  
ARG CB  CG   sing N N 21  
ARG CB  HB2  sing N N 22  
ARG CB  HB3  sing N N 23  
ARG CG  CD   sing N N 24  
ARG CG  HG2  sing N N 25  
ARG CG  HG3  sing N N 26  
ARG CD  NE   sing N N 27  
ARG CD  HD2  sing N N 28  
ARG CD  HD3  sing N N 29  
ARG NE  CZ   sing N N 30  
ARG NE  HE   sing N N 31  
ARG CZ  NH1  sing N N 32  
ARG CZ  NH2  doub N N 33  
ARG NH1 HH11 sing N N 34  
ARG NH1 HH12 sing N N 35  
ARG NH2 HH21 sing N N 36  
ARG NH2 HH22 sing N N 37  
ARG OXT HXT  sing N N 38  
ASN N   CA   sing N N 39  
ASN N   H    sing N N 40  
ASN N   H2   sing N N 41  
ASN CA  C    sing N N 42  
ASN CA  CB   sing N N 43  
ASN CA  HA   sing N N 44  
ASN C   O    doub N N 45  
ASN C   OXT  sing N N 46  
ASN CB  CG   sing N N 47  
ASN CB  HB2  sing N N 48  
ASN CB  HB3  sing N N 49  
ASN CG  OD1  doub N N 50  
ASN CG  ND2  sing N N 51  
ASN ND2 HD21 sing N N 52  
ASN ND2 HD22 sing N N 53  
ASN OXT HXT  sing N N 54  
ASP N   CA   sing N N 55  
ASP N   H    sing N N 56  
ASP N   H2   sing N N 57  
ASP CA  C    sing N N 58  
ASP CA  CB   sing N N 59  
ASP CA  HA   sing N N 60  
ASP C   O    doub N N 61  
ASP C   OXT  sing N N 62  
ASP CB  CG   sing N N 63  
ASP CB  HB2  sing N N 64  
ASP CB  HB3  sing N N 65  
ASP CG  OD1  doub N N 66  
ASP CG  OD2  sing N N 67  
ASP OD2 HD2  sing N N 68  
ASP OXT HXT  sing N N 69  
CYS N   CA   sing N N 70  
CYS N   H    sing N N 71  
CYS N   H2   sing N N 72  
CYS CA  C    sing N N 73  
CYS CA  CB   sing N N 74  
CYS CA  HA   sing N N 75  
CYS C   O    doub N N 76  
CYS C   OXT  sing N N 77  
CYS CB  SG   sing N N 78  
CYS CB  HB2  sing N N 79  
CYS CB  HB3  sing N N 80  
CYS SG  HG   sing N N 81  
CYS OXT HXT  sing N N 82  
GLN N   CA   sing N N 83  
GLN N   H    sing N N 84  
GLN N   H2   sing N N 85  
GLN CA  C    sing N N 86  
GLN CA  CB   sing N N 87  
GLN CA  HA   sing N N 88  
GLN C   O    doub N N 89  
GLN C   OXT  sing N N 90  
GLN CB  CG   sing N N 91  
GLN CB  HB2  sing N N 92  
GLN CB  HB3  sing N N 93  
GLN CG  CD   sing N N 94  
GLN CG  HG2  sing N N 95  
GLN CG  HG3  sing N N 96  
GLN CD  OE1  doub N N 97  
GLN CD  NE2  sing N N 98  
GLN NE2 HE21 sing N N 99  
GLN NE2 HE22 sing N N 100 
GLN OXT HXT  sing N N 101 
GLU N   CA   sing N N 102 
GLU N   H    sing N N 103 
GLU N   H2   sing N N 104 
GLU CA  C    sing N N 105 
GLU CA  CB   sing N N 106 
GLU CA  HA   sing N N 107 
GLU C   O    doub N N 108 
GLU C   OXT  sing N N 109 
GLU CB  CG   sing N N 110 
GLU CB  HB2  sing N N 111 
GLU CB  HB3  sing N N 112 
GLU CG  CD   sing N N 113 
GLU CG  HG2  sing N N 114 
GLU CG  HG3  sing N N 115 
GLU CD  OE1  doub N N 116 
GLU CD  OE2  sing N N 117 
GLU OE2 HE2  sing N N 118 
GLU OXT HXT  sing N N 119 
GLY N   CA   sing N N 120 
GLY N   H    sing N N 121 
GLY N   H2   sing N N 122 
GLY CA  C    sing N N 123 
GLY CA  HA2  sing N N 124 
GLY CA  HA3  sing N N 125 
GLY C   O    doub N N 126 
GLY C   OXT  sing N N 127 
GLY OXT HXT  sing N N 128 
HIS N   CA   sing N N 129 
HIS N   H    sing N N 130 
HIS N   H2   sing N N 131 
HIS CA  C    sing N N 132 
HIS CA  CB   sing N N 133 
HIS CA  HA   sing N N 134 
HIS C   O    doub N N 135 
HIS C   OXT  sing N N 136 
HIS CB  CG   sing N N 137 
HIS CB  HB2  sing N N 138 
HIS CB  HB3  sing N N 139 
HIS CG  ND1  sing Y N 140 
HIS CG  CD2  doub Y N 141 
HIS ND1 CE1  doub Y N 142 
HIS ND1 HD1  sing N N 143 
HIS CD2 NE2  sing Y N 144 
HIS CD2 HD2  sing N N 145 
HIS CE1 NE2  sing Y N 146 
HIS CE1 HE1  sing N N 147 
HIS NE2 HE2  sing N N 148 
HIS OXT HXT  sing N N 149 
HOH O   H1   sing N N 150 
HOH O   H2   sing N N 151 
LEU N   CA   sing N N 152 
LEU N   H    sing N N 153 
LEU N   H2   sing N N 154 
LEU CA  C    sing N N 155 
LEU CA  CB   sing N N 156 
LEU CA  HA   sing N N 157 
LEU C   O    doub N N 158 
LEU C   OXT  sing N N 159 
LEU CB  CG   sing N N 160 
LEU CB  HB2  sing N N 161 
LEU CB  HB3  sing N N 162 
LEU CG  CD1  sing N N 163 
LEU CG  CD2  sing N N 164 
LEU CG  HG   sing N N 165 
LEU CD1 HD11 sing N N 166 
LEU CD1 HD12 sing N N 167 
LEU CD1 HD13 sing N N 168 
LEU CD2 HD21 sing N N 169 
LEU CD2 HD22 sing N N 170 
LEU CD2 HD23 sing N N 171 
LEU OXT HXT  sing N N 172 
LYS N   CA   sing N N 173 
LYS N   H    sing N N 174 
LYS N   H2   sing N N 175 
LYS CA  C    sing N N 176 
LYS CA  CB   sing N N 177 
LYS CA  HA   sing N N 178 
LYS C   O    doub N N 179 
LYS C   OXT  sing N N 180 
LYS CB  CG   sing N N 181 
LYS CB  HB2  sing N N 182 
LYS CB  HB3  sing N N 183 
LYS CG  CD   sing N N 184 
LYS CG  HG2  sing N N 185 
LYS CG  HG3  sing N N 186 
LYS CD  CE   sing N N 187 
LYS CD  HD2  sing N N 188 
LYS CD  HD3  sing N N 189 
LYS CE  NZ   sing N N 190 
LYS CE  HE2  sing N N 191 
LYS CE  HE3  sing N N 192 
LYS NZ  HZ1  sing N N 193 
LYS NZ  HZ2  sing N N 194 
LYS NZ  HZ3  sing N N 195 
LYS OXT HXT  sing N N 196 
PHE N   CA   sing N N 197 
PHE N   H    sing N N 198 
PHE N   H2   sing N N 199 
PHE CA  C    sing N N 200 
PHE CA  CB   sing N N 201 
PHE CA  HA   sing N N 202 
PHE C   O    doub N N 203 
PHE C   OXT  sing N N 204 
PHE CB  CG   sing N N 205 
PHE CB  HB2  sing N N 206 
PHE CB  HB3  sing N N 207 
PHE CG  CD1  doub Y N 208 
PHE CG  CD2  sing Y N 209 
PHE CD1 CE1  sing Y N 210 
PHE CD1 HD1  sing N N 211 
PHE CD2 CE2  doub Y N 212 
PHE CD2 HD2  sing N N 213 
PHE CE1 CZ   doub Y N 214 
PHE CE1 HE1  sing N N 215 
PHE CE2 CZ   sing Y N 216 
PHE CE2 HE2  sing N N 217 
PHE CZ  HZ   sing N N 218 
PHE OXT HXT  sing N N 219 
PRO N   CA   sing N N 220 
PRO N   CD   sing N N 221 
PRO N   H    sing N N 222 
PRO CA  C    sing N N 223 
PRO CA  CB   sing N N 224 
PRO CA  HA   sing N N 225 
PRO C   O    doub N N 226 
PRO C   OXT  sing N N 227 
PRO CB  CG   sing N N 228 
PRO CB  HB2  sing N N 229 
PRO CB  HB3  sing N N 230 
PRO CG  CD   sing N N 231 
PRO CG  HG2  sing N N 232 
PRO CG  HG3  sing N N 233 
PRO CD  HD2  sing N N 234 
PRO CD  HD3  sing N N 235 
PRO OXT HXT  sing N N 236 
SER N   CA   sing N N 237 
SER N   H    sing N N 238 
SER N   H2   sing N N 239 
SER CA  C    sing N N 240 
SER CA  CB   sing N N 241 
SER CA  HA   sing N N 242 
SER C   O    doub N N 243 
SER C   OXT  sing N N 244 
SER CB  OG   sing N N 245 
SER CB  HB2  sing N N 246 
SER CB  HB3  sing N N 247 
SER OG  HG   sing N N 248 
SER OXT HXT  sing N N 249 
THR N   CA   sing N N 250 
THR N   H    sing N N 251 
THR N   H2   sing N N 252 
THR CA  C    sing N N 253 
THR CA  CB   sing N N 254 
THR CA  HA   sing N N 255 
THR C   O    doub N N 256 
THR C   OXT  sing N N 257 
THR CB  OG1  sing N N 258 
THR CB  CG2  sing N N 259 
THR CB  HB   sing N N 260 
THR OG1 HG1  sing N N 261 
THR CG2 HG21 sing N N 262 
THR CG2 HG22 sing N N 263 
THR CG2 HG23 sing N N 264 
THR OXT HXT  sing N N 265 
TYR N   CA   sing N N 266 
TYR N   H    sing N N 267 
TYR N   H2   sing N N 268 
TYR CA  C    sing N N 269 
TYR CA  CB   sing N N 270 
TYR CA  HA   sing N N 271 
TYR C   O    doub N N 272 
TYR C   OXT  sing N N 273 
TYR CB  CG   sing N N 274 
TYR CB  HB2  sing N N 275 
TYR CB  HB3  sing N N 276 
TYR CG  CD1  doub Y N 277 
TYR CG  CD2  sing Y N 278 
TYR CD1 CE1  sing Y N 279 
TYR CD1 HD1  sing N N 280 
TYR CD2 CE2  doub Y N 281 
TYR CD2 HD2  sing N N 282 
TYR CE1 CZ   doub Y N 283 
TYR CE1 HE1  sing N N 284 
TYR CE2 CZ   sing Y N 285 
TYR CE2 HE2  sing N N 286 
TYR CZ  OH   sing N N 287 
TYR OH  HH   sing N N 288 
TYR OXT HXT  sing N N 289 
VAL N   CA   sing N N 290 
VAL N   H    sing N N 291 
VAL N   H2   sing N N 292 
VAL CA  C    sing N N 293 
VAL CA  CB   sing N N 294 
VAL CA  HA   sing N N 295 
VAL C   O    doub N N 296 
VAL C   OXT  sing N N 297 
VAL CB  CG1  sing N N 298 
VAL CB  CG2  sing N N 299 
VAL CB  HB   sing N N 300 
VAL CG1 HG11 sing N N 301 
VAL CG1 HG12 sing N N 302 
VAL CG1 HG13 sing N N 303 
VAL CG2 HG21 sing N N 304 
VAL CG2 HG22 sing N N 305 
VAL CG2 HG23 sing N N 306 
VAL OXT HXT  sing N N 307 
# 
_pdbx_audit_support.funding_organization   
'National Institutes of Health/National Institute Of Allergy and Infectious Diseases (NIH/NIAID)' 
_pdbx_audit_support.country                'United States' 
_pdbx_audit_support.grant_number           HHSN272201700060C 
_pdbx_audit_support.ordinal                1 
# 
_pdbx_initial_refinement_model.id               1 
_pdbx_initial_refinement_model.entity_id_list   ? 
_pdbx_initial_refinement_model.type             'experimental model' 
_pdbx_initial_refinement_model.source_name      PDB 
_pdbx_initial_refinement_model.accession_code   1XAK 
_pdbx_initial_refinement_model.details          ? 
# 
_pdbx_reflns_twin.domain_id                    1 
_pdbx_reflns_twin.crystal_id                   1 
_pdbx_reflns_twin.diffrn_id                    1 
_pdbx_reflns_twin.fraction                     0.480 
_pdbx_reflns_twin.operator                     -h,-k,l 
_pdbx_reflns_twin.type                         ? 
_pdbx_reflns_twin.mean_F_square_over_mean_F2   ? 
_pdbx_reflns_twin.mean_I2_over_mean_I_square   ? 
# 
_atom_sites.entry_id                    6W37 
_atom_sites.Cartn_transf_matrix[1][1]   ? 
_atom_sites.Cartn_transf_matrix[1][2]   ? 
_atom_sites.Cartn_transf_matrix[1][3]   ? 
_atom_sites.Cartn_transf_matrix[2][1]   ? 
_atom_sites.Cartn_transf_matrix[2][2]   ? 
_atom_sites.Cartn_transf_matrix[2][3]   ? 
_atom_sites.Cartn_transf_matrix[3][1]   ? 
_atom_sites.Cartn_transf_matrix[3][2]   ? 
_atom_sites.Cartn_transf_matrix[3][3]   ? 
_atom_sites.Cartn_transf_vector[1]      ? 
_atom_sites.Cartn_transf_vector[2]      ? 
_atom_sites.Cartn_transf_vector[3]      ? 
_atom_sites.fract_transf_matrix[1][1]   -0.00852301 
_atom_sites.fract_transf_matrix[1][2]   -0.01101508 
_atom_sites.fract_transf_matrix[1][3]   -0.01451984 
_atom_sites.fract_transf_matrix[2][1]   -0.01933339 
_atom_sites.fract_transf_matrix[2][2]   0.00287174 
_atom_sites.fract_transf_matrix[2][3]   -0.00476939 
_atom_sites.fract_transf_matrix[3][1]   0.00480714 
_atom_sites.fract_transf_matrix[3][2]   0.01224675 
_atom_sites.fract_transf_matrix[3][3]   -0.01211240 
_atom_sites.fract_transf_vector[1]      -0.274556 
_atom_sites.fract_transf_vector[2]      0.286248 
_atom_sites.fract_transf_vector[3]      0.274637 
_atom_sites.solution_primary            ? 
_atom_sites.solution_secondary          ? 
_atom_sites.solution_hydrogens          ? 
_atom_sites.special_details             ? 
# 
loop_
_atom_type.symbol 
C 
D 
H 
N 
O 
S 
# 
loop_
_atom_site.group_PDB 
_atom_site.id 
_atom_site.type_symbol 
_atom_site.label_atom_id 
_atom_site.label_alt_id 
_atom_site.label_comp_id 
_atom_site.label_asym_id 
_atom_site.label_entity_id 
_atom_site.label_seq_id 
_atom_site.pdbx_PDB_ins_code 
_atom_site.Cartn_x 
_atom_site.Cartn_y 
_atom_site.Cartn_z 
_atom_site.occupancy 
_atom_site.B_iso_or_equiv 
_atom_site.pdbx_formal_charge 
_atom_site.auth_seq_id 
_atom_site.auth_comp_id 
_atom_site.auth_asym_id 
_atom_site.auth_atom_id 
_atom_site.pdbx_PDB_model_num 
ATOM   1   N N   . GLU A 1 1  ? -11.25849 5.64071   8.98835   1.000 31.16000 ?  1   GLU A N   1 
ATOM   2   C CA  . GLU A 1 1  ? -9.80799  5.64655   8.84057   1.000 38.49000 ?  1   GLU A CA  1 
ATOM   3   C C   . GLU A 1 1  ? -9.21080  4.32778   9.32100   1.000 33.79000 ?  1   GLU A C   1 
ATOM   4   O O   . GLU A 1 1  ? -8.76875  4.21510   10.46472  1.000 30.23000 ?  1   GLU A O   1 
ATOM   5   C CB  . GLU A 1 1  ? -9.19636  6.81629   9.61345   1.000 35.36000 ?  1   GLU A CB  1 
ATOM   6   C CG  . GLU A 1 1  ? -9.63787  8.18206   9.11240   1.000 51.28000 ?  1   GLU A CG  1 
ATOM   7   C CD  . GLU A 1 1  ? -9.02232  9.32100   9.90146   1.000 45.59000 ?  1   GLU A CD  1 
ATOM   8   O OE1 . GLU A 1 1  ? -8.47712  9.06255   10.99484  1.000 45.91000 ?  1   GLU A OE1 1 
ATOM   9   O OE2 . GLU A 1 1  ? -9.08226  10.47454  9.42585   1.000 66.17000 -1 1   GLU A OE2 1 
ATOM   10  N N   . LEU A 1 2  ? -9.19801  3.33258   8.43795   1.000 25.08000 ?  2   LEU A N   1 
ATOM   11  C CA  . LEU A 1 2  ? -8.69832  2.00359   8.76748   1.000 28.95000 ?  2   LEU A CA  1 
ATOM   12  C C   . LEU A 1 2  ? -7.19380  1.95856   8.52622   1.000 29.65000 ?  2   LEU A C   1 
ATOM   13  O O   . LEU A 1 2  ? -6.73154  2.20402   7.40762   1.000 39.99000 ?  2   LEU A O   1 
ATOM   14  C CB  . LEU A 1 2  ? -9.41199  0.94168   7.93320   1.000 30.68000 ?  2   LEU A CB  1 
ATOM   15  C CG  . LEU A 1 2  ? -10.94099 1.01337   7.94809   1.000 38.41000 ?  2   LEU A CG  1 
ATOM   16  C CD1 . LEU A 1 2  ? -11.54028 -0.06220  7.05534   1.000 29.08000 ?  2   LEU A CD1 1 
ATOM   17  C CD2 . LEU A 1 2  ? -11.47789 0.89683   9.36673   1.000 53.76000 ?  2   LEU A CD2 1 
ATOM   18  N N   . TYR A 1 3  ? -6.43739  1.64151   9.57183   1.000 28.35000 ?  3   TYR A N   1 
ATOM   19  C CA  . TYR A 1 3  ? -4.98619  1.59488   9.49088   1.000 28.12000 ?  3   TYR A CA  1 
ATOM   20  C C   . TYR A 1 3  ? -4.51150  0.18417   9.16387   1.000 32.27000 ?  3   TYR A C   1 
ATOM   21  O O   . TYR A 1 3  ? -5.18927  -0.80474  9.45557   1.000 28.31000 ?  3   TYR A O   1 
ATOM   22  C CB  . TYR A 1 3  ? -4.35916  2.05968   10.80616  1.000 31.24000 ?  3   TYR A CB  1 
ATOM   23  C CG  . TYR A 1 3  ? -4.75438  3.46208   11.21093  1.000 36.67000 ?  3   TYR A CG  1 
ATOM   24  C CD1 . TYR A 1 3  ? -3.90630  4.53684   10.98504  1.000 27.41000 ?  3   TYR A CD1 1 
ATOM   25  C CD2 . TYR A 1 3  ? -5.97855  3.71010   11.81741  1.000 49.25000 ?  3   TYR A CD2 1 
ATOM   26  C CE1 . TYR A 1 3  ? -4.26375  5.81920   11.35429  1.000 36.03000 ?  3   TYR A CE1 1 
ATOM   27  C CE2 . TYR A 1 3  ? -6.34530  4.98948   12.18884  1.000 47.08000 ?  3   TYR A CE2 1 
ATOM   28  C CZ  . TYR A 1 3  ? -5.48531  6.03976   11.95473  1.000 34.98000 ?  3   TYR A CZ  1 
ATOM   29  O OH  . TYR A 1 3  ? -5.84816  7.31432   12.32429  1.000 35.89000 ?  3   TYR A OH  1 
ATOM   30  N N   . HIS A 1 4  ? -3.33394  0.10455   8.54821   1.000 27.80000 ?  4   HIS A N   1 
ATOM   31  C CA  . HIS A 1 4  ? -2.71852  -1.16398  8.19197   1.000 19.35000 ?  4   HIS A CA  1 
ATOM   32  C C   . HIS A 1 4  ? -1.27631  -1.17923  8.68101   1.000 26.14000 ?  4   HIS A C   1 
ATOM   33  O O   . HIS A 1 4  ? -0.65974  -0.13339  8.89946   1.000 27.94000 ?  4   HIS A O   1 
ATOM   34  C CB  . HIS A 1 4  ? -2.75355  -1.41041  6.67542   1.000 15.38000 ?  4   HIS A CB  1 
ATOM   35  C CG  . HIS A 1 4  ? -4.13508  -1.49432  6.10430   1.000 20.19000 ?  4   HIS A CG  1 
ATOM   36  N ND1 . HIS A 1 4  ? -4.59129  -2.60140  5.42249   1.000 18.69000 ?  4   HIS A ND1 1 
ATOM   37  C CD2 . HIS A 1 4  ? -5.15917  -0.60830  6.11092   1.000 23.59000 ?  4   HIS A CD2 1 
ATOM   38  C CE1 . HIS A 1 4  ? -5.83659  -2.39532  5.03476   1.000 19.88000 ?  4   HIS A CE1 1 
ATOM   39  N NE2 . HIS A 1 4  ? -6.20533  -1.19327  5.43940   1.000 24.85000 ?  4   HIS A NE2 1 
ATOM   40  N N   . TYR A 1 5  ? -0.74374  -2.38787  8.84851   1.000 38.79000 ?  5   TYR A N   1 
ATOM   41  C CA  . TYR A 1 5  ? 0.63494   -2.56955  9.27547   1.000 27.99000 ?  5   TYR A CA  1 
ATOM   42  C C   . TYR A 1 5  ? 1.12937   -3.90826  8.75153   1.000 25.23000 ?  5   TYR A C   1 
ATOM   43  O O   . TYR A 1 5  ? 0.35783   -4.86278  8.62148   1.000 22.78000 ?  5   TYR A O   1 
ATOM   44  C CB  . TYR A 1 5  ? 0.76877   -2.50911  10.80263  1.000 24.87000 ?  5   TYR A CB  1 
ATOM   45  C CG  . TYR A 1 5  ? 2.19012   -2.64446  11.30813  1.000 30.43000 ?  5   TYR A CG  1 
ATOM   46  C CD1 . TYR A 1 5  ? 2.75339   -3.89479  11.53278  1.000 28.55000 ?  5   TYR A CD1 1 
ATOM   47  C CD2 . TYR A 1 5  ? 2.96568   -1.52219  11.56509  1.000 32.46000 ?  5   TYR A CD2 1 
ATOM   48  C CE1 . TYR A 1 5  ? 4.04954   -4.02208  11.99379  1.000 36.68000 ?  5   TYR A CE1 1 
ATOM   49  C CE2 . TYR A 1 5  ? 4.26299   -1.64036  12.02691  1.000 31.65000 ?  5   TYR A CE2 1 
ATOM   50  C CZ  . TYR A 1 5  ? 4.79981   -2.89169  12.24005  1.000 34.48000 ?  5   TYR A CZ  1 
ATOM   51  O OH  . TYR A 1 5  ? 6.09054   -3.01461  12.70037  1.000 44.33000 ?  5   TYR A OH  1 
ATOM   52  N N   . GLN A 1 6  ? 2.42457   -3.96996  8.45020   1.000 34.47000 ?  6   GLN A N   1 
ATOM   53  C CA  . GLN A 1 6  ? 3.01666   -5.17956  7.89920   1.000 33.16000 ?  6   GLN A CA  1 
ATOM   54  C C   . GLN A 1 6  ? 4.52952   -5.03030  7.88870   1.000 34.04000 ?  6   GLN A C   1 
ATOM   55  O O   . GLN A 1 6  ? 5.04867   -3.93821  7.63985   1.000 33.71000 ?  6   GLN A O   1 
ATOM   56  C CB  . GLN A 1 6  ? 2.49514   -5.44960  6.48018   1.000 34.50000 ?  6   GLN A CB  1 
ATOM   57  C CG  . GLN A 1 6  ? 3.15061   -6.63060  5.77802   1.000 52.88000 ?  6   GLN A CG  1 
ATOM   58  C CD  . GLN A 1 6  ? 2.54970   -6.89482  4.41016   1.000 54.62000 ?  6   GLN A CD  1 
ATOM   59  O OE1 . GLN A 1 6  ? 1.57587   -6.25356  4.01503   1.000 32.80000 ?  6   GLN A OE1 1 
ATOM   60  N NE2 . GLN A 1 6  ? 3.12832   -7.84133  3.67983   1.000 45.23000 ?  6   GLN A NE2 1 
ATOM   61  N N   . GLU A 1 7  ? 5.22422   -6.13170  8.15959   1.000 34.16000 ?  7   GLU A N   1 
ATOM   62  C CA  . GLU A 1 7  ? 6.67816   -6.17665  8.13604   1.000 35.09000 ?  7   GLU A CA  1 
ATOM   63  C C   . GLU A 1 7  ? 7.15309   -6.94989  6.91376   1.000 45.21000 ?  7   GLU A C   1 
ATOM   64  O O   . GLU A 1 7  ? 6.63045   -8.02670  6.60383   1.000 41.88000 ?  7   GLU A O   1 
ATOM   65  C CB  . GLU A 1 7  ? 7.23477   -6.82431  9.40441   1.000 36.68000 ?  7   GLU A CB  1 
ATOM   66  C CG  . GLU A 1 7  ? 6.83534   -6.11715  10.68581  1.000 51.43000 ?  7   GLU A CG  1 
ATOM   67  C CD  . GLU A 1 7  ? 7.60340   -6.61818  11.89403  1.000 55.52000 ?  7   GLU A CD  1 
ATOM   68  O OE1 . GLU A 1 7  ? 8.42999   -7.54061  11.73384  1.000 39.63000 ?  7   GLU A OE1 1 
ATOM   69  O OE2 . GLU A 1 7  ? 7.38196   -6.08669  13.00202  1.000 65.11000 -1 7   GLU A OE2 1 
ATOM   70  N N   . CYS A 1 8  ? 8.14950   -6.39701  6.22792   1.000 44.23000 ?  8   CYS A N   1 
ATOM   71  C CA  . CYS A 1 8  ? 8.68533   -7.00420  5.01905   1.000 33.22000 ?  8   CYS A CA  1 
ATOM   72  C C   . CYS A 1 8  ? 10.20496  -6.95235  5.05744   1.000 36.82000 ?  8   CYS A C   1 
ATOM   73  O O   . CYS A 1 8  ? 10.80330  -6.16391  5.79385   1.000 32.94000 ?  8   CYS A O   1 
ATOM   74  C CB  . CYS A 1 8  ? 8.16353   -6.30165  3.75651   1.000 49.21000 ?  8   CYS A CB  1 
ATOM   75  S SG  . CYS A 1 8  ? 8.47285   -4.52075  3.70152   1.000 44.42000 ?  8   CYS A SG  1 
ATOM   76  N N   . VAL A 1 9  ? 10.82263  -7.80187  4.23989   1.000 26.95000 ?  9   VAL A N   1 
ATOM   77  C CA  . VAL A 1 9  ? 12.27622  -7.86872  4.14976   1.000 32.79000 ?  9   VAL A CA  1 
ATOM   78  C C   . VAL A 1 9  ? 12.76880  -6.80013  3.18450   1.000 39.33000 ?  9   VAL A C   1 
ATOM   79  O O   . VAL A 1 9  ? 12.17096  -6.57380  2.12486   1.000 35.69000 ?  9   VAL A O   1 
ATOM   80  C CB  . VAL A 1 9  ? 12.72560  -9.27273  3.70580   1.000 29.77000 ?  9   VAL A CB  1 
ATOM   81  C CG1 . VAL A 1 9  ? 14.24164  -9.39002  3.76663   1.000 29.92000 ?  9   VAL A CG1 1 
ATOM   82  C CG2 . VAL A 1 9  ? 12.06498  -10.34048 4.56389   1.000 31.87000 ?  9   VAL A CG2 1 
ATOM   83  N N   . ARG A 1 10 ? 13.86671  -6.13985  3.54815   1.000 35.01000 ?  10  ARG A N   1 
ATOM   84  C CA  . ARG A 1 10 ? 14.40930  -5.07178  2.71737   1.000 33.43000 ?  10  ARG A CA  1 
ATOM   85  C C   . ARG A 1 10 ? 14.70967  -5.58282  1.31442   1.000 35.84000 ?  10  ARG A C   1 
ATOM   86  O O   . ARG A 1 10 ? 15.29909  -6.65356  1.14046   1.000 33.69000 ?  10  ARG A O   1 
ATOM   87  C CB  . ARG A 1 10 ? 15.67858  -4.50226  3.35255   1.000 37.86000 ?  10  ARG A CB  1 
ATOM   88  C CG  . ARG A 1 10 ? 15.45076  -3.80496  4.68323   1.000 48.77000 ?  10  ARG A CG  1 
ATOM   89  C CD  . ARG A 1 10 ? 16.71697  -3.13390  5.18953   1.000 33.84000 ?  10  ARG A CD  1 
ATOM   90  N NE  . ARG A 1 10 ? 16.55898  -2.61575  6.54692   1.000 24.35000 ?  10  ARG A NE  1 
ATOM   91  C CZ  . ARG A 1 10 ? 15.93139  -1.48341  6.85365   1.000 18.91000 ?  10  ARG A CZ  1 
ATOM   92  N NH1 . ARG A 1 10 ? 15.38855  -0.73135  5.90447   1.000 43.51000 ?  10  ARG A NH1 1 
ATOM   93  N NH2 . ARG A 1 10 ? 15.84416  -1.10148  8.12057   1.000 23.67000 ?  10  ARG A NH2 1 
ATOM   94  N N   . GLY A 1 11 ? 14.30003  -4.81152  0.31354   1.000 55.52000 ?  11  GLY A N   1 
ATOM   95  C CA  . GLY A 1 11 ? 14.56041  -5.12463  -1.08232  1.000 59.77000 ?  11  GLY A CA  1 
ATOM   96  C C   . GLY A 1 11 ? 13.50136  -5.97213  -1.75419  1.000 54.98000 ?  11  GLY A C   1 
ATOM   97  O O   . GLY A 1 11 ? 13.11647  -5.69703  -2.89261  1.000 71.18000 ?  11  GLY A O   1 
ATOM   98  N N   . THR A 1 12 ? 13.02123  -7.00515  -1.06692  1.000 48.29000 ?  12  THR A N   1 
ATOM   99  C CA  . THR A 1 12 ? 12.03491  -7.89934  -1.65675  1.000 48.71000 ?  12  THR A CA  1 
ATOM   100 C C   . THR A 1 12 ? 10.75208  -7.14348  -1.97891  1.000 40.84000 ?  12  THR A C   1 
ATOM   101 O O   . THR A 1 12 ? 10.35006  -6.22967  -1.25438  1.000 39.83000 ?  12  THR A O   1 
ATOM   102 C CB  . THR A 1 12 ? 11.73459  -9.05922  -0.70748  1.000 63.95000 ?  12  THR A CB  1 
ATOM   103 O OG1 . THR A 1 12 ? 11.23738  -8.54886  0.53545   1.000 42.24000 ?  12  THR A OG1 1 
ATOM   104 C CG2 . THR A 1 12 ? 12.99242  -9.88131  -0.45039  1.000 50.24000 ?  12  THR A CG2 1 
ATOM   105 N N   . THR A 1 13 ? 10.11385  -7.53027  -3.07950  1.000 40.95000 ?  13  THR A N   1 
ATOM   106 C CA  . THR A 1 13 ? 8.86570   -6.90477  -3.48575  1.000 41.94000 ?  13  THR A CA  1 
ATOM   107 C C   . THR A 1 13 ? 7.73398   -7.32493  -2.55112  1.000 47.33000 ?  13  THR A C   1 
ATOM   108 O O   . THR A 1 13 ? 7.81247   -8.33846  -1.85128  1.000 63.22000 ?  13  THR A O   1 
ATOM   109 C CB  . THR A 1 13 ? 8.52431   -7.28352  -4.92844  1.000 51.58000 ?  13  THR A CB  1 
ATOM   110 O OG1 . THR A 1 13 ? 9.68241   -7.11160  -5.75664  1.000 58.38000 ?  13  THR A OG1 1 
ATOM   111 C CG2 . THR A 1 13 ? 7.39431   -6.41614  -5.46548  1.000 39.75000 ?  13  THR A CG2 1 
ATOM   112 N N   . VAL A 1 14 ? 6.66777   -6.52570  -2.54414  1.000 52.39000 ?  14  VAL A N   1 
ATOM   113 C CA  . VAL A 1 14 ? 5.49322   -6.79445  -1.72439  1.000 52.73000 ?  14  VAL A CA  1 
ATOM   114 C C   . VAL A 1 14 ? 4.26259   -6.46436  -2.55673  1.000 40.07000 ?  14  VAL A C   1 
ATOM   115 O O   . VAL A 1 14 ? 4.11535   -5.33037  -3.02770  1.000 42.11000 ?  14  VAL A O   1 
ATOM   116 C CB  . VAL A 1 14 ? 5.49216   -5.97534  -0.42121  1.000 36.55000 ?  14  VAL A CB  1 
ATOM   117 C CG1 . VAL A 1 14 ? 4.27654   -6.32428  0.42812   1.000 43.43000 ?  14  VAL A CG1 1 
ATOM   118 C CG2 . VAL A 1 14 ? 6.77888   -6.20778  0.35643   1.000 35.73000 ?  14  VAL A CG2 1 
ATOM   119 N N   . LEU A 1 15 ? 3.39426   -7.45328  -2.74963  1.000 34.43000 ?  15  LEU A N   1 
ATOM   120 C CA  . LEU A 1 15 ? 2.12305   -7.27152  -3.43505  1.000 41.42000 ?  15  LEU A CA  1 
ATOM   121 C C   . LEU A 1 15 ? 1.00160   -7.22643  -2.40536  1.000 39.05000 ?  15  LEU A C   1 
ATOM   122 O O   . LEU A 1 15 ? 1.02568   -7.96447  -1.41609  1.000 71.88000 ?  15  LEU A O   1 
ATOM   123 C CB  . LEU A 1 15 ? 1.86584   -8.40389  -4.43254  1.000 36.97000 ?  15  LEU A CB  1 
ATOM   124 C CG  . LEU A 1 15 ? 2.72810   -8.44172  -5.69802  1.000 53.94000 ?  15  LEU A CG  1 
ATOM   125 C CD1 . LEU A 1 15 ? 4.19679   -8.66371  -5.36910  1.000 46.05000 ?  15  LEU A CD1 1 
ATOM   126 C CD2 . LEU A 1 15 ? 2.22562   -9.51767  -6.65017  1.000 45.03000 ?  15  LEU A CD2 1 
ATOM   127 N N   . LEU A 1 16 ? 0.01823   -6.36012  -2.64317  1.000 31.17000 ?  16  LEU A N   1 
ATOM   128 C CA  . LEU A 1 16 ? -1.08308  -6.17942  -1.71051  1.000 36.73000 ?  16  LEU A CA  1 
ATOM   129 C C   . LEU A 1 16 ? -2.37366  -5.96218  -2.48585  1.000 33.43000 ?  16  LEU A C   1 
ATOM   130 O O   . LEU A 1 16 ? -2.36600  -5.58918  -3.66329  1.000 47.28000 ?  16  LEU A O   1 
ATOM   131 C CB  . LEU A 1 16 ? -0.82893  -4.99875  -0.76430  1.000 43.84000 ?  16  LEU A CB  1 
ATOM   132 C CG  . LEU A 1 16 ? 0.43180   -5.08711  0.09997   1.000 36.74000 ?  16  LEU A CG  1 
ATOM   133 C CD1 . LEU A 1 16 ? 0.68188   -3.76683  0.80923   1.000 32.05000 ?  16  LEU A CD1 1 
ATOM   134 C CD2 . LEU A 1 16 ? 0.32460   -6.22224  1.10810   1.000 44.63000 ?  16  LEU A CD2 1 
ATOM   135 N N   . LYS A 1 17 ? -3.48864  -6.20412  -1.80286  1.000 39.80000 ?  17  LYS A N   1 
ATOM   136 C CA  . LYS A 1 17 ? -4.81136  -6.03488  -2.38407  1.000 48.68000 ?  17  LYS A CA  1 
ATOM   137 C C   . LYS A 1 17 ? -5.25887  -4.58624  -2.24562  1.000 42.24000 ?  17  LYS A C   1 
ATOM   138 O O   . LYS A 1 17 ? -4.95752  -3.92188  -1.24908  1.000 50.57000 ?  17  LYS A O   1 
ATOM   139 C CB  . LYS A 1 17 ? -5.81847  -6.96278  -1.69927  1.000 47.99000 ?  17  LYS A CB  1 
ATOM   140 C CG  . LYS A 1 17 ? -7.21438  -6.94690  -2.30808  1.000 41.86000 ?  17  LYS A CG  1 
ATOM   141 C CD  . LYS A 1 17 ? -7.24093  -7.62186  -3.66988  1.000 48.56000 ?  17  LYS A CD  1 
ATOM   142 C CE  . LYS A 1 17 ? -8.61859  -7.53035  -4.30719  1.000 61.08000 ?  17  LYS A CE  1 
ATOM   143 N NZ  . LYS A 1 17 ? -8.68184  -8.24937  -5.61000  1.000 47.97000 ?  17  LYS A NZ  1 
ATOM   144 N N   . GLU A 1 18 ? -5.97853  -4.10292  -3.24731  1.000 60.85000 ?  18  GLU A N   1 
ATOM   145 C CA  . GLU A 1 18 ? -6.48234  -2.73691  -3.20886  1.000 61.04000 ?  18  GLU A CA  1 
ATOM   146 C C   . GLU A 1 18 ? -7.65015  -2.64936  -2.23141  1.000 32.95000 ?  18  GLU A C   1 
ATOM   147 O O   . GLU A 1 18 ? -8.55539  -3.48838  -2.28150  1.000 35.94000 ?  18  GLU A O   1 
ATOM   148 C CB  . GLU A 1 18 ? -6.92612  -2.28974  -4.59974  1.000 52.92000 ?  18  GLU A CB  1 
ATOM   149 C CG  . GLU A 1 18 ? -5.80782  -2.24582  -5.62630  1.000 42.02000 ?  18  GLU A CG  1 
ATOM   150 C CD  . GLU A 1 18 ? -6.29106  -1.80039  -6.99326  1.000 53.13000 ?  18  GLU A CD  1 
ATOM   151 O OE1 . GLU A 1 18 ? -7.50111  -1.52559  -7.13660  1.000 55.47000 ?  18  GLU A OE1 1 
ATOM   152 O OE2 . GLU A 1 18 ? -5.46154  -1.72587  -7.92338  1.000 47.76000 -1 18  GLU A OE2 1 
ATOM   153 N N   . PRO A 1 19 ? -7.67283  -1.65937  -1.33246  1.000 29.71000 ?  19  PRO A N   1 
ATOM   154 C CA  . PRO A 1 19 ? -8.82235  -1.53423  -0.42344  1.000 29.52000 ?  19  PRO A CA  1 
ATOM   155 C C   . PRO A 1 19 ? -10.10497 -1.13544  -1.13016  1.000 29.46000 ?  19  PRO A C   1 
ATOM   156 O O   . PRO A 1 19 ? -11.18882 -1.33095  -0.56653  1.000 30.45000 ?  19  PRO A O   1 
ATOM   157 C CB  . PRO A 1 19 ? -8.37141  -0.45856  0.57296   1.000 27.55000 ?  19  PRO A CB  1 
ATOM   158 C CG  . PRO A 1 19 ? -7.37364  0.35080   -0.17488  1.000 41.38000 ?  19  PRO A CG  1 
ATOM   159 C CD  . PRO A 1 19 ? -6.67607  -0.59514  -1.11283  1.000 42.01000 ?  19  PRO A CD  1 
ATOM   160 N N   . CYS A 1 20 ? -10.01758 -0.58423  -2.33792  1.000 45.28000 ?  20  CYS A N   1 
ATOM   161 C CA  . CYS A 1 20 ? -11.19621 -0.26297  -3.12901  1.000 56.04000 ?  20  CYS A CA  1 
ATOM   162 C C   . CYS A 1 20 ? -10.83655 -0.37434  -4.60335  1.000 41.46000 ?  20  CYS A C   1 
ATOM   163 O O   . CYS A 1 20 ? -9.67092  -0.54280  -4.97103  1.000 35.57000 ?  20  CYS A O   1 
ATOM   164 C CB  . CYS A 1 20 ? -11.73446 1.13338   -2.80188  1.000 45.60000 ?  20  CYS A CB  1 
ATOM   165 S SG  . CYS A 1 20 ? -10.47160 2.41270   -2.63714  1.000 44.35000 ?  20  CYS A SG  1 
ATOM   166 N N   . SER A 1 21 ? -11.86005 -0.27920  -5.45077  1.000 35.19000 ?  21  SER A N   1 
ATOM   167 C CA  . SER A 1 21 ? -11.67877 -0.41804  -6.88932  1.000 46.54000 ?  21  SER A CA  1 
ATOM   168 C C   . SER A 1 21 ? -10.72460 0.64203   -7.42755  1.000 44.57000 ?  21  SER A C   1 
ATOM   169 O O   . SER A 1 21 ? -9.62605  0.31593   -7.88822  1.000 35.44000 ?  21  SER A O   1 
ATOM   170 C CB  . SER A 1 21 ? -13.02857 -0.33094  -7.60420  1.000 50.71000 ?  21  SER A CB  1 
ATOM   171 O OG  . SER A 1 21 ? -13.70156 0.87351   -7.28096  1.000 60.93000 ?  21  SER A OG  1 
ATOM   172 N N   . SER A 1 22 ? -11.13358 1.90901   -7.37333  1.000 35.35000 ?  22  SER A N   1 
ATOM   173 C CA  . SER A 1 22 ? -10.31331 2.99753   -7.89164  1.000 32.62000 ?  22  SER A CA  1 
ATOM   174 C C   . SER A 1 22 ? -9.63867  3.75440   -6.75380  1.000 38.68000 ?  22  SER A C   1 
ATOM   175 O O   . SER A 1 22 ? -8.50338  3.44016   -6.38177  1.000 33.37000 ?  22  SER A O   1 
ATOM   176 C CB  . SER A 1 22 ? -11.16314 3.94852   -8.73789  1.000 40.07000 ?  22  SER A CB  1 
ATOM   177 O OG  . SER A 1 22 ? -12.20645 4.52177   -7.96849  1.000 41.24000 ?  22  SER A OG  1 
ATOM   178 N N   . GLY A 1 23 ? -10.32555 4.74753   -6.19352  1.000 26.21000 ?  23  GLY A N   1 
ATOM   179 C CA  . GLY A 1 23 ? -9.76176  5.54569   -5.12142  1.000 29.82000 ?  23  GLY A CA  1 
ATOM   180 C C   . GLY A 1 23 ? -8.55424  6.34893   -5.55892  1.000 35.18000 ?  23  GLY A C   1 
ATOM   181 O O   . GLY A 1 23 ? -8.12866  6.25865   -6.71411  1.000 42.12000 ?  23  GLY A O   1 
ATOM   182 N N   . THR A 1 24 ? -7.99267  7.13670   -4.64436  1.000 31.94000 ?  24  THR A N   1 
ATOM   183 C CA  . THR A 1 24 ? -6.83087  7.97016   -4.92477  1.000 26.87000 ?  24  THR A CA  1 
ATOM   184 C C   . THR A 1 24 ? -5.69823  7.57852   -3.98538  1.000 28.36000 ?  24  THR A C   1 
ATOM   185 O O   . THR A 1 24 ? -5.88830  7.53085   -2.76695  1.000 30.58000 ?  24  THR A O   1 
ATOM   186 C CB  . THR A 1 24 ? -7.16465  9.45702   -4.76455  1.000 26.11000 ?  24  THR A CB  1 
ATOM   187 O OG1 . THR A 1 24 ? -7.34340  9.76626   -3.37712  1.000 22.52000 ?  24  THR A OG1 1 
ATOM   188 C CG2 . THR A 1 24 ? -8.43933  9.80391   -5.52208  1.000 28.41000 ?  24  THR A CG2 1 
ATOM   189 N N   . TYR A 1 25 ? -4.52949  7.30087   -4.55376  1.000 30.69000 ?  25  TYR A N   1 
ATOM   190 C CA  . TYR A 1 25 ? -3.37261  6.84604   -3.79709  1.000 26.05000 ?  25  TYR A CA  1 
ATOM   191 C C   . TYR A 1 25 ? -2.42525  8.00590   -3.51368  1.000 27.33000 ?  25  TYR A C   1 
ATOM   192 O O   . TYR A 1 25 ? -2.34017  8.96450   -4.28533  1.000 26.84000 ?  25  TYR A O   1 
ATOM   193 C CB  . TYR A 1 25 ? -2.64168  5.74074   -4.56551  1.000 23.29000 ?  25  TYR A CB  1 
ATOM   194 C CG  . TYR A 1 25 ? -1.20906  5.51267   -4.14042  1.000 38.86000 ?  25  TYR A CG  1 
ATOM   195 C CD1 . TYR A 1 25 ? -0.15918  6.12053   -4.81589  1.000 33.96000 ?  25  TYR A CD1 1 
ATOM   196 C CD2 . TYR A 1 25 ? -0.90621  4.68375   -3.07040  1.000 40.83000 ?  25  TYR A CD2 1 
ATOM   197 C CE1 . TYR A 1 25 ? 1.15179   5.91143   -4.43466  1.000 28.14000 ?  25  TYR A CE1 1 
ATOM   198 C CE2 . TYR A 1 25 ? 0.40194   4.46923   -2.68101  1.000 37.59000 ?  25  TYR A CE2 1 
ATOM   199 C CZ  . TYR A 1 25 ? 1.42653   5.08520   -3.36717  1.000 38.55000 ?  25  TYR A CZ  1 
ATOM   200 O OH  . TYR A 1 25 ? 2.73066   4.87422   -2.98466  1.000 54.40000 ?  25  TYR A OH  1 
ATOM   201 N N   . GLU A 1 26 ? -1.71345  7.91078   -2.38983  1.000 32.20000 ?  26  GLU A N   1 
ATOM   202 C CA  . GLU A 1 26 ? -0.74955  8.93963   -2.00346  1.000 26.99000 ?  26  GLU A CA  1 
ATOM   203 C C   . GLU A 1 26 ? 0.35422   8.27317   -1.19690  1.000 28.80000 ?  26  GLU A C   1 
ATOM   204 O O   . GLU A 1 26 ? 0.11670   7.83416   -0.06816  1.000 31.32000 ?  26  GLU A O   1 
ATOM   205 C CB  . GLU A 1 26 ? -1.42483  10.04636  -1.19823  1.000 25.49000 ?  26  GLU A CB  1 
ATOM   206 C CG  . GLU A 1 26 ? -0.46640  11.05789  -0.58498  1.000 27.99000 ?  26  GLU A CG  1 
ATOM   207 C CD  . GLU A 1 26 ? -1.18875  12.14768  0.18149   1.000 37.69000 ?  26  GLU A CD  1 
ATOM   208 O OE1 . GLU A 1 26 ? -2.40658  12.32098  -0.03361  1.000 50.05000 ?  26  GLU A OE1 1 
ATOM   209 O OE2 . GLU A 1 26 ? -0.53935  12.82749  1.00403   1.000 27.69000 -1 26  GLU A OE2 1 
ATOM   210 N N   . GLY A 1 27 ? 1.55623   8.20649   -1.76466  1.000 32.78000 ?  27  GLY A N   1 
ATOM   211 C CA  . GLY A 1 27 ? 2.67540   7.57617   -1.10000  1.000 40.43000 ?  27  GLY A CA  1 
ATOM   212 C C   . GLY A 1 27 ? 3.98534   8.21266   -1.50894  1.000 30.90000 ?  27  GLY A C   1 
ATOM   213 O O   . GLY A 1 27 ? 4.02101   9.18397   -2.26670  1.000 38.01000 ?  27  GLY A O   1 
ATOM   214 N N   . ASN A 1 28 ? 5.07439   7.64449   -0.99272  1.000 33.08000 ?  28  ASN A N   1 
ATOM   215 C CA  . ASN A 1 28 ? 6.42225   8.12421   -1.26165  1.000 38.88000 ?  28  ASN A CA  1 
ATOM   216 C C   . ASN A 1 28 ? 7.10496   7.34152   -2.37855  1.000 32.36000 ?  28  ASN A C   1 
ATOM   217 O O   . ASN A 1 28 ? 8.33754   7.34241   -2.46426  1.000 24.04000 ?  28  ASN A O   1 
ATOM   218 C CB  . ASN A 1 28 ? 7.26625   8.05359   0.01178   1.000 35.03000 ?  28  ASN A CB  1 
ATOM   219 C CG  . ASN A 1 28 ? 6.62725   8.77994   1.17912   1.000 41.95000 ?  28  ASN A CG  1 
ATOM   220 O OD1 . ASN A 1 28 ? 6.81542   9.98434   1.35243   1.000 30.37000 ?  28  ASN A OD1 1 
ATOM   221 N ND2 . ASN A 1 28 ? 5.87283   8.04800   1.99108   1.000 50.84000 ?  28  ASN A ND2 1 
ATOM   222 N N   . SER A 1 29 ? 6.33225   6.66785   -3.22905  1.000 33.25000 ?  29  SER A N   1 
ATOM   223 C CA  . SER A 1 29 ? 6.88644   5.89070   -4.32786  1.000 33.06000 ?  29  SER A CA  1 
ATOM   224 C C   . SER A 1 29 ? 5.79249   5.68705   -5.36067  1.000 38.34000 ?  29  SER A C   1 
ATOM   225 O O   . SER A 1 29 ? 4.60714   5.71427   -5.01074  1.000 36.06000 ?  29  SER A O   1 
ATOM   226 C CB  . SER A 1 29 ? 7.42530   4.53882   -3.83762  1.000 37.05000 ?  29  SER A CB  1 
ATOM   227 O OG  . SER A 1 29 ? 6.40191   3.77362   -3.22509  1.000 65.69000 ?  29  SER A OG  1 
ATOM   228 N N   . PRO A 1 30 ? 6.14510   5.48315   -6.63016  1.000 50.75000 ?  30  PRO A N   1 
ATOM   229 C CA  . PRO A 1 30 ? 5.11027   5.34018   -7.65936  1.000 38.97000 ?  30  PRO A CA  1 
ATOM   230 C C   . PRO A 1 30 ? 4.21222   4.14136   -7.39417  1.000 44.89000 ?  30  PRO A C   1 
ATOM   231 O O   . PRO A 1 30 ? 4.61166   3.15869   -6.76608  1.000 35.92000 ?  30  PRO A O   1 
ATOM   232 C CB  . PRO A 1 30 ? 5.91339   5.16773   -8.95597  1.000 39.26000 ?  30  PRO A CB  1 
ATOM   233 C CG  . PRO A 1 30 ? 7.26849   4.72494   -8.51890  1.000 51.70000 ?  30  PRO A CG  1 
ATOM   234 C CD  . PRO A 1 30 ? 7.50279   5.37019   -7.19032  1.000 56.22000 ?  30  PRO A CD  1 
ATOM   235 N N   . PHE A 1 31 ? 2.97966   4.23983   -7.88566  1.000 42.79000 ?  31  PHE A N   1 
ATOM   236 C CA  . PHE A 1 31 ? 1.97897   3.19506   -7.71067  1.000 35.82000 ?  31  PHE A CA  1 
ATOM   237 C C   . PHE A 1 31 ? 2.10014   2.19266   -8.85179  1.000 40.43000 ?  31  PHE A C   1 
ATOM   238 O O   . PHE A 1 31 ? 1.95464   2.55995   -10.02346 1.000 45.48000 ?  31  PHE A O   1 
ATOM   239 C CB  . PHE A 1 31 ? 0.58142   3.81105   -7.66466  1.000 34.16000 ?  31  PHE A CB  1 
ATOM   240 C CG  . PHE A 1 31 ? -0.52129  2.81417   -7.45222  1.000 43.94000 ?  31  PHE A CG  1 
ATOM   241 C CD1 . PHE A 1 31 ? -0.75268  2.27182   -6.19964  1.000 40.02000 ?  31  PHE A CD1 1 
ATOM   242 C CD2 . PHE A 1 31 ? -1.33752  2.43253   -8.50309  1.000 53.31000 ?  31  PHE A CD2 1 
ATOM   243 C CE1 . PHE A 1 31 ? -1.77066  1.35859   -6.00187  1.000 37.41000 ?  31  PHE A CE1 1 
ATOM   244 C CE2 . PHE A 1 31 ? -2.35685  1.52101   -8.31150  1.000 36.24000 ?  31  PHE A CE2 1 
ATOM   245 C CZ  . PHE A 1 31 ? -2.57372  0.98371   -7.05987  1.000 32.72000 ?  31  PHE A CZ  1 
ATOM   246 N N   . HIS A 1 32 ? 2.36969   0.92980   -8.51131  1.000 42.35000 ?  32  HIS A N   1 
ATOM   247 C CA  . HIS A 1 32 ? 2.57927   -0.13120  -9.49351  1.000 40.74000 ?  32  HIS A CA  1 
ATOM   248 C C   . HIS A 1 32 ? 1.38130   -1.07286  -9.48599  1.000 36.19000 ?  32  HIS A C   1 
ATOM   249 O O   . HIS A 1 32 ? 1.37651   -2.07332  -8.75284  1.000 45.98000 ?  32  HIS A O   1 
ATOM   250 C CB  . HIS A 1 32 ? 3.86911   -0.89991  -9.19485  1.000 37.84000 ?  32  HIS A CB  1 
ATOM   251 C CG  . HIS A 1 32 ? 5.05756   -0.02166  -8.95727  1.000 43.87000 ?  32  HIS A CG  1 
ATOM   252 N ND1 . HIS A 1 32 ? 5.47225   0.34176   -7.69441  1.000 46.90000 ?  32  HIS A ND1 1 
ATOM   253 C CD2 . HIS A 1 32 ? 5.92027   0.56376   -9.81977  1.000 59.04000 ?  32  HIS A CD2 1 
ATOM   254 C CE1 . HIS A 1 32 ? 6.54064   1.11336   -7.78948  1.000 43.84000 ?  32  HIS A CE1 1 
ATOM   255 N NE2 . HIS A 1 32 ? 6.83274   1.26424   -9.06830  1.000 56.63000 ?  32  HIS A NE2 1 
ATOM   256 N N   . PRO A 1 33 ? 0.34529   -0.80803  -10.27754 1.000 32.12000 ?  33  PRO A N   1 
ATOM   257 C CA  . PRO A 1 33 ? -0.79925  -1.72102  -10.32169 1.000 38.26000 ?  33  PRO A CA  1 
ATOM   258 C C   . PRO A 1 33 ? -0.52210  -2.95158  -11.16948 1.000 51.25000 ?  33  PRO A C   1 
ATOM   259 O O   . PRO A 1 33 ? 0.23942   -2.91738  -12.13930 1.000 36.09000 ?  33  PRO A O   1 
ATOM   260 C CB  . PRO A 1 33 ? -1.90782  -0.86416  -10.94355 1.000 33.62000 ?  33  PRO A CB  1 
ATOM   261 C CG  . PRO A 1 33 ? -1.18042  0.10813   -11.80078 1.000 39.48000 ?  33  PRO A CG  1 
ATOM   262 C CD  . PRO A 1 33 ? 0.12782   0.39038   -11.10840 1.000 48.05000 ?  33  PRO A CD  1 
ATOM   263 N N   . LEU A 1 34 ? -1.16031  -4.05332  -10.78126 1.000 41.31000 ?  34  LEU A N   1 
ATOM   264 C CA  . LEU A 1 34 ? -1.09595  -5.31328  -11.50552 1.000 40.73000 ?  34  LEU A CA  1 
ATOM   265 C C   . LEU A 1 34 ? -2.51787  -5.80602  -11.74569 1.000 35.77000 ?  34  LEU A C   1 
ATOM   266 O O   . LEU A 1 34 ? -3.49596  -5.16640  -11.34838 1.000 37.53000 ?  34  LEU A O   1 
ATOM   267 C CB  . LEU A 1 34 ? -0.27559  -6.35615  -10.73434 1.000 39.90000 ?  34  LEU A CB  1 
ATOM   268 C CG  . LEU A 1 34 ? 1.19162   -6.00965  -10.47051 1.000 43.19000 ?  34  LEU A CG  1 
ATOM   269 C CD1 . LEU A 1 34 ? 1.84105   -7.07129  -9.59568  1.000 55.78000 ?  34  LEU A CD1 1 
ATOM   270 C CD2 . LEU A 1 34 ? 1.95447   -5.85384  -11.77749 1.000 62.47000 ?  34  LEU A CD2 1 
ATOM   271 N N   . ALA A 1 35 ? -2.63227  -6.95666  -12.40084 1.000 42.24000 ?  35  ALA A N   1 
ATOM   272 C CA  . ALA A 1 35 ? -3.93909  -7.52405  -12.68852 1.000 61.41000 ?  35  ALA A CA  1 
ATOM   273 C C   . ALA A 1 35 ? -4.59951  -8.02313  -11.40449 1.000 55.31000 ?  35  ALA A C   1 
ATOM   274 O O   . ALA A 1 35 ? -3.96796  -8.15208  -10.35113 1.000 51.89000 ?  35  ALA A O   1 
ATOM   275 C CB  . ALA A 1 35 ? -3.81588  -8.66214  -13.70027 1.000 63.48000 ?  35  ALA A CB  1 
ATOM   276 N N   . ASP A 1 36 ? -5.89929  -8.30043  -11.50385 1.000 58.01000 ?  36  ASP A N   1 
ATOM   277 C CA  . ASP A 1 36 ? -6.68145  -8.83667  -10.38987 1.000 59.85000 ?  36  ASP A CA  1 
ATOM   278 C C   . ASP A 1 36 ? -6.76662  -7.85051  -9.22726  1.000 57.48000 ?  36  ASP A C   1 
ATOM   279 O O   . ASP A 1 36 ? -6.87869  -8.25244  -8.06587  1.000 61.22000 ?  36  ASP A O   1 
ATOM   280 C CB  . ASP A 1 36 ? -6.10966  -10.17460 -9.91084  1.000 71.53000 ?  36  ASP A CB  1 
ATOM   281 C CG  . ASP A 1 36 ? -6.06033  -11.21571 -11.01184 1.000 76.55000 ?  36  ASP A CG  1 
ATOM   282 O OD1 . ASP A 1 36 ? -6.90740  -11.15453 -11.92840 1.000 84.11000 ?  36  ASP A OD1 1 
ATOM   283 O OD2 . ASP A 1 36 ? -5.17509  -12.09521 -10.96214 1.000 63.26000 -1 36  ASP A OD2 1 
ATOM   284 N N   . ASN A 1 37 ? -6.71794  -6.55361  -9.52958  1.000 58.24000 ?  37  ASN A N   1 
ATOM   285 C CA  . ASN A 1 37 ? -6.86619  -5.50038  -8.52645  1.000 51.74000 ?  37  ASN A CA  1 
ATOM   286 C C   . ASN A 1 37 ? -5.85092  -5.67256  -7.39256  1.000 49.02000 ?  37  ASN A C   1 
ATOM   287 O O   . ASN A 1 37 ? -6.19992  -5.88861  -6.23028  1.000 48.92000 ?  37  ASN A O   1 
ATOM   288 C CB  . ASN A 1 37 ? -8.29864  -5.46853  -7.98201  1.000 51.02000 ?  37  ASN A CB  1 
ATOM   289 C CG  . ASN A 1 37 ? -9.31405  -5.07517  -9.03702  1.000 54.84000 ?  37  ASN A CG  1 
ATOM   290 O OD1 . ASN A 1 37 ? -8.99769  -4.34719  -9.97812  1.000 77.82000 ?  37  ASN A OD1 1 
ATOM   291 N ND2 . ASN A 1 37 ? -10.54275 -5.55347  -8.88324  1.000 57.57000 ?  37  ASN A ND2 1 
ATOM   292 N N   . LYS A 1 38 ? -4.57655  -5.56743  -7.75789  1.000 45.61000 ?  38  LYS A N   1 
ATOM   293 C CA  . LYS A 1 38 ? -3.47800  -5.63559  -6.80615  1.000 46.30000 ?  38  LYS A CA  1 
ATOM   294 C C   . LYS A 1 38 ? -2.48692  -4.52190  -7.11163  1.000 57.91000 ?  38  LYS A C   1 
ATOM   295 O O   . LYS A 1 38 ? -2.46591  -3.96823  -8.21330  1.000 48.38000 ?  38  LYS A O   1 
ATOM   296 C CB  . LYS A 1 38 ? -2.75997  -6.99247  -6.85961  1.000 45.22000 ?  38  LYS A CB  1 
ATOM   297 C CG  . LYS A 1 38 ? -3.66781  -8.20129  -6.69996  1.000 55.24000 ?  38  LYS A CG  1 
ATOM   298 C CD  . LYS A 1 38 ? -2.90565  -9.49007  -6.97564  1.000 58.20000 ?  38  LYS A CD  1 
ATOM   299 C CE  . LYS A 1 38 ? -3.81153  -10.70997 -6.91499  1.000 73.16000 ?  38  LYS A CE  1 
ATOM   300 N NZ  . LYS A 1 38 ? -4.30407  -10.98385 -5.53891  1.000 94.39000 ?  38  LYS A NZ  1 
ATOM   301 N N   . PHE A 1 39 ? -1.65104  -4.20152  -6.12671  1.000 36.80000 ?  39  PHE A N   1 
ATOM   302 C CA  . PHE A 1 39 ? -0.58151  -3.23498  -6.32837  1.000 27.99000 ?  39  PHE A CA  1 
ATOM   303 C C   . PHE A 1 39 ? 0.67680   -3.71669  -5.62359  1.000 33.66000 ?  39  PHE A C   1 
ATOM   304 O O   . PHE A 1 39 ? 0.61705   -4.21862  -4.49825  1.000 38.38000 ?  39  PHE A O   1 
ATOM   305 C CB  . PHE A 1 39 ? -0.97527  -1.83551  -5.83000  1.000 36.79000 ?  39  PHE A CB  1 
ATOM   306 C CG  . PHE A 1 39 ? -1.12280  -1.73230  -4.33879  1.000 35.06000 ?  39  PHE A CG  1 
ATOM   307 C CD1 . PHE A 1 39 ? -2.34133  -1.98248  -3.73033  1.000 41.85000 ?  39  PHE A CD1 1 
ATOM   308 C CD2 . PHE A 1 39 ? -0.04738  -1.36257  -3.54848  1.000 29.29000 ?  39  PHE A CD2 1 
ATOM   309 C CE1 . PHE A 1 39 ? -2.47999  -1.87892  -2.35926  1.000 42.37000 ?  39  PHE A CE1 1 
ATOM   310 C CE2 . PHE A 1 39 ? -0.18070  -1.25835  -2.17758  1.000 27.09000 ?  39  PHE A CE2 1 
ATOM   311 C CZ  . PHE A 1 39 ? -1.39793  -1.51497  -1.58250  1.000 35.46000 ?  39  PHE A CZ  1 
ATOM   312 N N   . ALA A 1 40 ? 1.81076   -3.56480  -6.29854  1.000 50.33000 ?  40  ALA A N   1 
ATOM   313 C CA  . ALA A 1 40 ? 3.09844   -4.01089  -5.79265  1.000 33.66000 ?  40  ALA A CA  1 
ATOM   314 C C   . ALA A 1 40 ? 3.98865   -2.81445  -5.48755  1.000 36.99000 ?  40  ALA A C   1 
ATOM   315 O O   . ALA A 1 40 ? 3.78101   -1.70904  -5.99662  1.000 55.62000 ?  40  ALA A O   1 
ATOM   316 C CB  . ALA A 1 40 ? 3.79368   -4.93049  -6.80235  1.000 28.91000 ?  40  ALA A CB  1 
ATOM   317 N N   . LEU A 1 41 ? 4.98779   -3.04681  -4.64090  1.000 35.16000 ?  41  LEU A N   1 
ATOM   318 C CA  . LEU A 1 41 ? 5.94597   -1.99847  -4.31239  1.000 33.24000 ?  41  LEU A CA  1 
ATOM   319 C C   . LEU A 1 41 ? 7.13325   -2.61238  -3.58491  1.000 33.54000 ?  41  LEU A C   1 
ATOM   320 O O   . LEU A 1 41 ? 7.03977   -3.69930  -3.00834  1.000 31.71000 ?  41  LEU A O   1 
ATOM   321 C CB  . LEU A 1 41 ? 5.29911   -0.89575  -3.46449  1.000 43.80000 ?  41  LEU A CB  1 
ATOM   322 C CG  . LEU A 1 41 ? 4.66836   -1.31331  -2.13351  1.000 42.59000 ?  41  LEU A CG  1 
ATOM   323 C CD1 . LEU A 1 41 ? 5.70919   -1.38664  -1.02684  1.000 31.19000 ?  41  LEU A CD1 1 
ATOM   324 C CD2 . LEU A 1 41 ? 3.54641   -0.35818  -1.75186  1.000 32.29000 ?  41  LEU A CD2 1 
ATOM   325 N N   . THR A 1 42 ? 8.25240   -1.89544  -3.61913  1.000 32.37000 ?  42  THR A N   1 
ATOM   326 C CA  . THR A 1 42 ? 9.46490   -2.34707  -2.95527  1.000 32.79000 ?  42  THR A CA  1 
ATOM   327 C C   . THR A 1 42 ? 9.35585   -2.14175  -1.44889  1.000 36.50000 ?  42  THR A C   1 
ATOM   328 O O   . THR A 1 42 ? 8.68280   -1.22597  -0.97019  1.000 31.63000 ?  42  THR A O   1 
ATOM   329 C CB  . THR A 1 42 ? 10.68388  -1.60049  -3.49866  1.000 32.19000 ?  42  THR A CB  1 
ATOM   330 O OG1 . THR A 1 42 ? 10.83847  -1.88466  -4.89543  1.000 39.02000 ?  42  THR A OG1 1 
ATOM   331 C CG2 . THR A 1 42 ? 11.94864  -2.01431  -2.75811  1.000 33.48000 ?  42  THR A CG2 1 
ATOM   332 N N   . CYS A 1 43 ? 10.03316  -3.01061  -0.70175  1.000 38.81000 ?  43  CYS A N   1 
ATOM   333 C CA  . CYS A 1 43 ? 9.97596   -2.97145  0.75170   1.000 38.24000 ?  43  CYS A CA  1 
ATOM   334 C C   . CYS A 1 43 ? 10.90227  -1.89142  1.29596   1.000 31.99000 ?  43  CYS A C   1 
ATOM   335 O O   . CYS A 1 43 ? 12.08590  -1.83908  0.94608   1.000 32.40000 ?  43  CYS A O   1 
ATOM   336 C CB  . CYS A 1 43 ? 10.35985  -4.32998  1.33465   1.000 41.94000 ?  43  CYS A CB  1 
ATOM   337 S SG  . CYS A 1 43 ? 10.41774  -4.36736  3.14025   1.000 49.63000 ?  43  CYS A SG  1 
ATOM   338 N N   . PHE A 1 44 ? 10.35864  -1.03323  2.15609   1.000 30.51000 ?  44  PHE A N   1 
ATOM   339 C CA  . PHE A 1 44 ? 11.13772  -0.01529  2.84638   1.000 32.05000 ?  44  PHE A CA  1 
ATOM   340 C C   . PHE A 1 44 ? 10.22934  0.67809   3.84984   1.000 27.36000 ?  44  PHE A C   1 
ATOM   341 O O   . PHE A 1 44 ? 9.08698   1.01056   3.52592   1.000 26.07000 ?  44  PHE A O   1 
ATOM   342 C CB  . PHE A 1 44 ? 11.73603  1.00387   1.86571   1.000 28.28000 ?  44  PHE A CB  1 
ATOM   343 C CG  . PHE A 1 44 ? 10.71160  1.81372   1.12340   1.000 26.99000 ?  44  PHE A CG  1 
ATOM   344 C CD1 . PHE A 1 44 ? 10.46300  3.12909   1.47623   1.000 22.49000 ?  44  PHE A CD1 1 
ATOM   345 C CD2 . PHE A 1 44 ? 10.00037  1.26108   0.07123   1.000 25.16000 ?  44  PHE A CD2 1 
ATOM   346 C CE1 . PHE A 1 44 ? 9.52317   3.87797   0.79297   1.000 22.71000 ?  44  PHE A CE1 1 
ATOM   347 C CE2 . PHE A 1 44 ? 9.05807   2.00533   -0.61326  1.000 27.31000 ?  44  PHE A CE2 1 
ATOM   348 C CZ  . PHE A 1 44 ? 8.81996   3.31548   -0.25122  1.000 22.55000 ?  44  PHE A CZ  1 
ATOM   349 N N   . SER A 1 45 ? 10.73937  0.87825   5.06667   1.000 30.47000 ?  45  SER A N   1 
ATOM   350 C CA  . SER A 1 45 ? 9.95845   1.48573   6.13870   1.000 29.79000 ?  45  SER A CA  1 
ATOM   351 C C   . SER A 1 45 ? 9.30738   2.77660   5.65740   1.000 22.07000 ?  45  SER A C   1 
ATOM   352 O O   . SER A 1 45 ? 10.00642  3.74759   5.35306   1.000 28.10000 ?  45  SER A O   1 
ATOM   353 C CB  . SER A 1 45 ? 10.84472  1.76060   7.35597   1.000 37.06000 ?  45  SER A CB  1 
ATOM   354 O OG  . SER A 1 45 ? 11.45695  0.57059   7.82344   1.000 47.07000 ?  45  SER A OG  1 
ATOM   355 N N   . THR A 1 46 ? 7.97854   2.80618   5.58217   1.000 23.15000 ?  46  THR A N   1 
ATOM   356 C CA  . THR A 1 46 ? 7.29676   3.95786   4.99815   1.000 30.50000 ?  46  THR A CA  1 
ATOM   357 C C   . THR A 1 46 ? 5.81891   3.90874   5.36149   1.000 26.04000 ?  46  THR A C   1 
ATOM   358 O O   . THR A 1 46 ? 5.33344   2.94210   5.95431   1.000 37.32000 ?  46  THR A O   1 
ATOM   359 C CB  . THR A 1 46 ? 7.47648   3.99331   3.47682   1.000 39.11000 ?  46  THR A CB  1 
ATOM   360 O OG1 . THR A 1 46 ? 6.96244   5.22415   2.95230   1.000 31.07000 ?  46  THR A OG1 1 
ATOM   361 C CG2 . THR A 1 46 ? 6.74675   2.82405   2.82440   1.000 28.60000 ?  46  THR A CG2 1 
ATOM   362 N N   . GLN A 1 47 ? 5.11068   4.97838   4.99555   1.000 31.42000 ?  47  GLN A N   1 
ATOM   363 C CA  . GLN A 1 47 ? 3.67045   5.07482   5.18438   1.000 35.74000 ?  47  GLN A CA  1 
ATOM   364 C C   . GLN A 1 47 ? 3.04805   5.74064   3.96583   1.000 30.32000 ?  47  GLN A C   1 
ATOM   365 O O   . GLN A 1 47 ? 3.61414   6.68651   3.40911   1.000 48.75000 ?  47  GLN A O   1 
ATOM   366 C CB  . GLN A 1 47 ? 3.31718   5.87632   6.44513   1.000 44.50000 ?  47  GLN A CB  1 
ATOM   367 C CG  . GLN A 1 47 ? 3.85820   5.28849   7.73680   1.000 52.04000 ?  47  GLN A CG  1 
ATOM   368 C CD  . GLN A 1 47 ? 3.36197   6.03046   8.96331   1.000 42.39000 ?  47  GLN A CD  1 
ATOM   369 O OE1 . GLN A 1 47 ? 2.45679   6.85978   8.87563   1.000 26.94000 ?  47  GLN A OE1 1 
ATOM   370 N NE2 . GLN A 1 47 ? 3.95391   5.73584   10.11544  1.000 41.98000 ?  47  GLN A NE2 1 
ATOM   371 N N   . PHE A 1 48 ? 1.88216   5.24304   3.55808   1.000 19.32000 ?  48  PHE A N   1 
ATOM   372 C CA  . PHE A 1 48 ? 1.12152   5.82939   2.45974   1.000 27.85000 ?  48  PHE A CA  1 
ATOM   373 C C   . PHE A 1 48 ? -0.36537  5.71001   2.77946   1.000 26.24000 ?  48  PHE A C   1 
ATOM   374 O O   . PHE A 1 48 ? -0.75390  5.24647   3.85595   1.000 25.19000 ?  48  PHE A O   1 
ATOM   375 C CB  . PHE A 1 48 ? 1.47946   5.17193   1.11912   1.000 32.96000 ?  48  PHE A CB  1 
ATOM   376 C CG  . PHE A 1 48 ? 1.36348   3.67387   1.11751   1.000 39.99000 ?  48  PHE A CG  1 
ATOM   377 C CD1 . PHE A 1 48 ? 2.39117   2.88489   1.60611   1.000 34.88000 ?  48  PHE A CD1 1 
ATOM   378 C CD2 . PHE A 1 48 ? 0.23469   3.05366   0.60790   1.000 36.72000 ?  48  PHE A CD2 1 
ATOM   379 C CE1 . PHE A 1 48 ? 2.29028   1.50620   1.59832   1.000 22.04000 ?  48  PHE A CE1 1 
ATOM   380 C CE2 . PHE A 1 48 ? 0.12973   1.67491   0.59547   1.000 22.66000 ?  48  PHE A CE2 1 
ATOM   381 C CZ  . PHE A 1 48 ? 1.15894   0.90133   1.09139   1.000 20.92000 ?  48  PHE A CZ  1 
ATOM   382 N N   . ALA A 1 49 ? -1.20891  6.13613   1.84057   1.000 22.98000 ?  49  ALA A N   1 
ATOM   383 C CA  . ALA A 1 49 ? -2.63490  6.23013   2.10935   1.000 26.96000 ?  49  ALA A CA  1 
ATOM   384 C C   . ALA A 1 49 ? -3.44331  6.05124   0.83252   1.000 26.00000 ?  49  ALA A C   1 
ATOM   385 O O   . ALA A 1 49 ? -2.96842  6.32330   -0.27485  1.000 21.35000 ?  49  ALA A O   1 
ATOM   386 C CB  . ALA A 1 49 ? -2.98648  7.57498   2.75820   1.000 19.88000 ?  49  ALA A CB  1 
ATOM   387 N N   . PHE A 1 50 ? -4.67878  5.58211   1.01503   1.000 30.89000 ?  50  PHE A N   1 
ATOM   388 C CA  . PHE A 1 50 ? -5.67313  5.47149   -0.04068  1.000 27.06000 ?  50  PHE A CA  1 
ATOM   389 C C   . PHE A 1 50 ? -6.94896  6.16355   0.41403   1.000 35.99000 ?  50  PHE A C   1 
ATOM   390 O O   . PHE A 1 50 ? -7.39045  5.97982   1.55309   1.000 32.48000 ?  50  PHE A O   1 
ATOM   391 C CB  . PHE A 1 50 ? -5.99095  4.00583   -0.37311  1.000 24.04000 ?  50  PHE A CB  1 
ATOM   392 C CG  . PHE A 1 50 ? -4.92183  3.30904   -1.16121  1.000 22.13000 ?  50  PHE A CG  1 
ATOM   393 C CD1 . PHE A 1 50 ? -3.70026  3.00738   -0.58719  1.000 24.35000 ?  50  PHE A CD1 1 
ATOM   394 C CD2 . PHE A 1 50 ? -5.15098  2.93366   -2.47473  1.000 24.70000 ?  50  PHE A CD2 1 
ATOM   395 C CE1 . PHE A 1 50 ? -2.72076  2.35847   -1.31225  1.000 34.17000 ?  50  PHE A CE1 1 
ATOM   396 C CE2 . PHE A 1 50 ? -4.17554  2.28468   -3.20441  1.000 25.87000 ?  50  PHE A CE2 1 
ATOM   397 C CZ  . PHE A 1 50 ? -2.95923  1.99583   -2.62249  1.000 29.92000 ?  50  PHE A CZ  1 
ATOM   398 N N   . ALA A 1 51 ? -7.54010  6.95539   -0.47570  1.000 25.96000 ?  51  ALA A N   1 
ATOM   399 C CA  . ALA A 1 51 ? -8.83329  7.58935   -0.23870  1.000 23.09000 ?  51  ALA A CA  1 
ATOM   400 C C   . ALA A 1 51 ? -9.85218  6.90204   -1.13721  1.000 28.71000 ?  51  ALA A C   1 
ATOM   401 O O   . ALA A 1 51 ? -9.79415  7.03332   -2.36485  1.000 29.32000 ?  51  ALA A O   1 
ATOM   402 C CB  . ALA A 1 51 ? -8.77295  9.08995   -0.51202  1.000 19.12000 ?  51  ALA A CB  1 
ATOM   403 N N   . CYS A 1 52 ? -10.77630 6.16893   -0.52813  1.000 25.73000 ?  52  CYS A N   1 
ATOM   404 C CA  . CYS A 1 52 ? -11.73582 5.36215   -1.26255  1.000 31.49000 ?  52  CYS A CA  1 
ATOM   405 C C   . CYS A 1 52 ? -13.06602 6.08739   -1.40269  1.000 22.30000 ?  52  CYS A C   1 
ATOM   406 O O   . CYS A 1 52 ? -13.36862 7.01055   -0.64105  1.000 15.04000 ?  52  CYS A O   1 
ATOM   407 C CB  . CYS A 1 52 ? -11.94927 4.02075   -0.55535  1.000 25.46000 ?  52  CYS A CB  1 
ATOM   408 S SG  . CYS A 1 52 ? -10.53414 2.90148   -0.66771  1.000 17.61000 ?  52  CYS A SG  1 
ATOM   409 N N   . PRO A 1 53 ? -13.89265 5.69045   -2.37423  1.000 21.95000 ?  53  PRO A N   1 
ATOM   410 C CA  . PRO A 1 53 ? -15.17610 6.38602   -2.56566  1.000 18.46000 ?  53  PRO A CA  1 
ATOM   411 C C   . PRO A 1 53 ? -16.11000 6.27306   -1.37478  1.000 29.70000 ?  53  PRO A C   1 
ATOM   412 O O   . PRO A 1 53 ? -16.89598 7.19552   -1.12608  1.000 22.06000 ?  53  PRO A O   1 
ATOM   413 C CB  . PRO A 1 53 ? -15.76755 5.70068   -3.80781  1.000 15.91000 ?  53  PRO A CB  1 
ATOM   414 C CG  . PRO A 1 53 ? -14.61776 5.01763   -4.47175  1.000 33.37000 ?  53  PRO A CG  1 
ATOM   415 C CD  . PRO A 1 53 ? -13.68502 4.62855   -3.37436  1.000 23.50000 ?  53  PRO A CD  1 
ATOM   416 N N   . ASP A 1 54 ? -16.04813 5.16913   -0.62825  1.000 32.94000 ?  54  ASP A N   1 
ATOM   417 C CA  . ASP A 1 54 ? -16.95175 4.96192   0.49706   1.000 40.93000 ?  54  ASP A CA  1 
ATOM   418 C C   . ASP A 1 54 ? -16.70203 5.92820   1.64847   1.000 30.91000 ?  54  ASP A C   1 
ATOM   419 O O   . ASP A 1 54 ? -17.48902 5.94008   2.60163   1.000 38.70000 ?  54  ASP A O   1 
ATOM   420 C CB  . ASP A 1 54 ? -16.82951 3.52237   1.00350   1.000 38.48000 ?  54  ASP A CB  1 
ATOM   421 C CG  . ASP A 1 54 ? -15.41921 3.17657   1.44390   1.000 38.21000 ?  54  ASP A CG  1 
ATOM   422 O OD1 . ASP A 1 54 ? -14.53430 4.05327   1.35865   1.000 32.10000 ?  54  ASP A OD1 1 
ATOM   423 O OD2 . ASP A 1 54 ? -15.19591 2.02565   1.87479   1.000 31.51000 -1 54  ASP A OD2 1 
ATOM   424 N N   . GLY A 1 55 ? -15.64390 6.73153   1.58879   1.000 26.13000 ?  55  GLY A N   1 
ATOM   425 C CA  . GLY A 1 55 ? -15.31786 7.63480   2.67133   1.000 26.47000 ?  55  GLY A CA  1 
ATOM   426 C C   . GLY A 1 55 ? -14.39367 7.05761   3.71540   1.000 43.38000 ?  55  GLY A C   1 
ATOM   427 O O   . GLY A 1 55 ? -14.29326 7.62043   4.81153   1.000 28.01000 ?  55  GLY A O   1 
ATOM   428 N N   . VAL A 1 56 ? -13.71492 5.95493   3.41319   1.000 31.08000 ?  56  VAL A N   1 
ATOM   429 C CA  . VAL A 1 56 ? -12.81533 5.28920   4.34763   1.000 25.63000 ?  56  VAL A CA  1 
ATOM   430 C C   . VAL A 1 56 ? -11.38855 5.53156   3.87740   1.000 30.39000 ?  56  VAL A C   1 
ATOM   431 O O   . VAL A 1 56 ? -11.02656 5.16211   2.75281   1.000 46.09000 ?  56  VAL A O   1 
ATOM   432 C CB  . VAL A 1 56 ? -13.11598 3.78586   4.44604   1.000 38.53000 ?  56  VAL A CB  1 
ATOM   433 C CG1 . VAL A 1 56 ? -12.14759 3.10983   5.40328   1.000 31.02000 ?  56  VAL A CG1 1 
ATOM   434 C CG2 . VAL A 1 56 ? -14.55579 3.55938   4.88582   1.000 45.26000 ?  56  VAL A CG2 1 
ATOM   435 N N   . LYS A 1 57 ? -10.58096 6.15006   4.73469   1.000 24.56000 ?  57  LYS A N   1 
ATOM   436 C CA  . LYS A 1 57 ? -9.18198  6.42780   4.42798   1.000 24.98000 ?  57  LYS A CA  1 
ATOM   437 C C   . LYS A 1 57 ? -8.33522  5.26051   4.92440   1.000 24.88000 ?  57  LYS A C   1 
ATOM   438 O O   . LYS A 1 57 ? -8.15496  5.08489   6.13387   1.000 23.33000 ?  57  LYS A O   1 
ATOM   439 C CB  . LYS A 1 57 ? -8.73990  7.74117   5.06767   1.000 39.64000 ?  57  LYS A CB  1 
ATOM   440 C CG  . LYS A 1 57 ? -7.29161  8.11146   4.78552   1.000 29.95000 ?  57  LYS A CG  1 
ATOM   441 C CD  . LYS A 1 57 ? -6.92211  9.43966   5.42468   1.000 41.06000 ?  57  LYS A CD  1 
ATOM   442 C CE  . LYS A 1 57 ? -5.47512  9.80657   5.14156   1.000 52.94000 ?  57  LYS A CE  1 
ATOM   443 N NZ  . LYS A 1 57 ? -5.10105  11.11381  5.74953   1.000 46.57000 ?  57  LYS A NZ  1 
ATOM   444 N N   . HIS A 1 58 ? -7.81276  4.46926   3.99215   1.000 25.71000 ?  58  HIS A N   1 
ATOM   445 C CA  . HIS A 1 58 ? -7.00483  3.30122   4.32918   1.000 25.74000 ?  58  HIS A CA  1 
ATOM   446 C C   . HIS A 1 58 ? -5.54428  3.72894   4.42002   1.000 22.53000 ?  58  HIS A C   1 
ATOM   447 O O   . HIS A 1 58 ? -4.89760  3.97631   3.39869   1.000 20.48000 ?  58  HIS A O   1 
ATOM   448 C CB  . HIS A 1 58 ? -7.19370  2.20025   3.28868   1.000 22.28000 ?  58  HIS A CB  1 
ATOM   449 C CG  . HIS A 1 58 ? -8.60060  1.69988   3.18555   1.000 24.88000 ?  58  HIS A CG  1 
ATOM   450 N ND1 . HIS A 1 58 ? -8.99972  0.48873   3.70715   1.000 26.71000 ?  58  HIS A ND1 1 
ATOM   451 C CD2 . HIS A 1 58 ? -9.70278  2.24846   2.62215   1.000 35.40000 ?  58  HIS A CD2 1 
ATOM   452 C CE1 . HIS A 1 58 ? -10.28776 0.31167   3.46871   1.000 38.03000 ?  58  HIS A CE1 1 
ATOM   453 N NE2 . HIS A 1 58 ? -10.73800 1.36501   2.81071   1.000 43.78000 ?  58  HIS A NE2 1 
ATOM   454 N N   . VAL A 1 59 ? -5.03009  3.82699   5.63861   1.000 24.11000 ?  59  VAL A N   1 
ATOM   455 C CA  . VAL A 1 59 ? -3.63443  4.18007   5.86740   1.000 20.29000 ?  59  VAL A CA  1 
ATOM   456 C C   . VAL A 1 59 ? -2.81347  2.90225   5.94211   1.000 19.22000 ?  59  VAL A C   1 
ATOM   457 O O   . VAL A 1 59 ? -3.21993  1.92213   6.57775   1.000 28.12000 ?  59  VAL A O   1 
ATOM   458 C CB  . VAL A 1 59 ? -3.48351  5.01739   7.15187   1.000 24.26000 ?  59  VAL A CB  1 
ATOM   459 C CG1 . VAL A 1 59 ? -2.03275  5.43869   7.34601   1.000 26.13000 ?  59  VAL A CG1 1 
ATOM   460 C CG2 . VAL A 1 59 ? -4.39705  6.23256   7.10257   1.000 24.42000 ?  59  VAL A CG2 1 
ATOM   461 N N   . TYR A 1 60 ? -1.65293  2.90776   5.29062   1.000 20.87000 ?  60  TYR A N   1 
ATOM   462 C CA  . TYR A 1 60 ? -0.76604  1.75723   5.23376   1.000 15.93000 ?  60  TYR A CA  1 
ATOM   463 C C   . TYR A 1 60 ? 0.60046   2.14239   5.77723   1.000 21.80000 ?  60  TYR A C   1 
ATOM   464 O O   . TYR A 1 60 ? 1.09476   3.24190   5.51125   1.000 34.83000 ?  60  TYR A O   1 
ATOM   465 C CB  . TYR A 1 60 ? -0.61653  1.24421   3.79995   1.000 22.29000 ?  60  TYR A CB  1 
ATOM   466 C CG  . TYR A 1 60 ? -1.85906  0.60277   3.22816   1.000 20.75000 ?  60  TYR A CG  1 
ATOM   467 C CD1 . TYR A 1 60 ? -2.99990  1.35136   2.97567   1.000 19.06000 ?  60  TYR A CD1 1 
ATOM   468 C CD2 . TYR A 1 60 ? -1.88419  -0.75142  2.92382   1.000 19.61000 ?  60  TYR A CD2 1 
ATOM   469 C CE1 . TYR A 1 60 ? -4.13462  0.76726   2.44854   1.000 21.78000 ?  60  TYR A CE1 1 
ATOM   470 C CE2 . TYR A 1 60 ? -3.01280  -1.34426  2.39618   1.000 22.57000 ?  60  TYR A CE2 1 
ATOM   471 C CZ  . TYR A 1 60 ? -4.13535  -0.58067  2.15874   1.000 23.37000 ?  60  TYR A CZ  1 
ATOM   472 O OH  . TYR A 1 60 ? -5.26156  -1.16816  1.63303   1.000 44.82000 ?  60  TYR A OH  1 
ATOM   473 N N   . GLN A 1 61 ? 1.20943   1.22765   6.52911   1.000 36.00000 ?  61  GLN A N   1 
ATOM   474 C CA  . GLN A 1 61 ? 2.54214   1.43390   7.08497   1.000 38.18000 ?  61  GLN A CA  1 
ATOM   475 C C   . GLN A 1 61 ? 3.32302   0.13675   6.96035   1.000 35.30000 ?  61  GLN A C   1 
ATOM   476 O O   . GLN A 1 61 ? 2.88635   -0.90291  7.46326   1.000 30.67000 ?  61  GLN A O   1 
ATOM   477 C CB  . GLN A 1 61 ? 2.47084   1.87870   8.54876   1.000 31.35000 ?  61  GLN A CB  1 
ATOM   478 C CG  . GLN A 1 61 ? 3.82467   1.95569   9.24068   1.000 34.25000 ?  61  GLN A CG  1 
ATOM   479 C CD  . GLN A 1 61 ? 3.73891   2.56085   10.62760  1.000 48.20000 ?  61  GLN A CD  1 
ATOM   480 O OE1 . GLN A 1 61 ? 2.66262   2.94954   11.08214  1.000 47.12000 ?  61  GLN A OE1 1 
ATOM   481 N NE2 . GLN A 1 61 ? 4.87593   2.64445   11.30808  1.000 35.96000 ?  61  GLN A NE2 1 
ATOM   482 N N   . LEU A 1 62 ? 4.47103   0.19720   6.29152   1.000 29.28000 ?  62  LEU A N   1 
ATOM   483 C CA  . LEU A 1 62 ? 5.35768   -0.94715  6.15075   1.000 28.26000 ?  62  LEU A CA  1 
ATOM   484 C C   . LEU A 1 62 ? 6.61147   -0.73614  6.98720   1.000 35.30000 ?  62  LEU A C   1 
ATOM   485 O O   . LEU A 1 62 ? 7.16677   0.36893   7.02566   1.000 54.41000 ?  62  LEU A O   1 
ATOM   486 C CB  . LEU A 1 62 ? 5.75208   -1.17520  4.68887   1.000 31.11000 ?  62  LEU A CB  1 
ATOM   487 C CG  . LEU A 1 62 ? 4.68533   -1.74498  3.75141   1.000 35.47000 ?  62  LEU A CG  1 
ATOM   488 C CD1 . LEU A 1 62 ? 5.29525   -2.02644  2.39193   1.000 35.48000 ?  62  LEU A CD1 1 
ATOM   489 C CD2 . LEU A 1 62 ? 4.06131   -3.00635  4.32343   1.000 53.74000 ?  62  LEU A CD2 1 
ATOM   490 N N   . ARG A 1 63 ? 7.04241   -1.80326  7.65609   1.000 34.53000 ?  63  ARG A N   1 
ATOM   491 C CA  . ARG A 1 63 ? 8.27406   -1.81549  8.43520   1.000 32.18000 ?  63  ARG A CA  1 
ATOM   492 C C   . ARG A 1 63 ? 9.26580   -2.75850  7.76608   1.000 37.92000 ?  63  ARG A C   1 
ATOM   493 O O   . ARG A 1 63 ? 8.96015   -3.93667  7.54904   1.000 40.28000 ?  63  ARG A O   1 
ATOM   494 C CB  . ARG A 1 63 ? 8.00799   -2.25678  9.87660   1.000 38.26000 ?  63  ARG A CB  1 
ATOM   495 C CG  . ARG A 1 63 ? 9.25378   -2.34241  10.75246  1.000 61.06000 ?  63  ARG A CG  1 
ATOM   496 C CD  . ARG A 1 63 ? 9.75300   -0.96852  11.16744  1.000 58.78000 ?  63  ARG A CD  1 
ATOM   497 N NE  . ARG A 1 63 ? 9.15061   -0.52810  12.42341  1.000 73.90000 ?  63  ARG A NE  1 
ATOM   498 C CZ  . ARG A 1 63 ? 9.55167   -0.92510  13.62955  1.000 75.16000 ?  63  ARG A CZ  1 
ATOM   499 N NH1 . ARG A 1 63 ? 10.55959  -1.77847  13.75877  1.000 67.62000 ?  63  ARG A NH1 1 
ATOM   500 N NH2 . ARG A 1 63 ? 8.93924   -0.46728  14.71309  1.000 66.76000 ?  63  ARG A NH2 1 
ATOM   501 N N   . ALA A 1 64 ? 10.45146  -2.24540  7.45766   1.000 39.03000 ?  64  ALA A N   1 
ATOM   502 C CA  . ALA A 1 64 ? 11.46505  -3.00227  6.74033   1.000 41.62000 ?  64  ALA A CA  1 
ATOM   503 C C   . ALA A 1 64 ? 12.45859  -3.61931  7.71552   1.000 31.95000 ?  64  ALA A C   1 
ATOM   504 O O   . ALA A 1 64 ? 12.91564  -2.96177  8.65476   1.000 32.08000 ?  64  ALA A O   1 
ATOM   505 C CB  . ALA A 1 64 ? 12.20107  -2.10932  5.74133   1.000 39.73000 ?  64  ALA A CB  1 
ATOM   506 N N   . ARG A 1 65 ? 12.78567  -4.88986  7.48492   1.000 31.04000 ?  65  ARG A N   1 
ATOM   507 C CA  . ARG A 1 65 ? 13.75996  -5.61040  8.29024   1.000 31.83000 ?  65  ARG A CA  1 
ATOM   508 C C   . ARG A 1 65 ? 14.73100  -6.34050  7.37344   1.000 31.27000 ?  65  ARG A C   1 
ATOM   509 O O   . ARG A 1 65 ? 14.39646  -6.68801  6.23820   1.000 25.89000 ?  65  ARG A O   1 
ATOM   510 C CB  . ARG A 1 65 ? 13.08071  -6.60953  9.23985   1.000 39.41000 ?  65  ARG A CB  1 
ATOM   511 C CG  . ARG A 1 65 ? 12.09907  -7.55317  8.55906   1.000 43.27000 ?  65  ARG A CG  1 
ATOM   512 C CD  . ARG A 1 65 ? 11.45589  -8.49968  9.56290   1.000 33.57000 ?  65  ARG A CD  1 
ATOM   513 N NE  . ARG A 1 65 ? 10.39280  -9.30327  8.96334   1.000 35.96000 ?  65  ARG A NE  1 
ATOM   514 C CZ  . ARG A 1 65 ? 10.58214  -10.45240 8.31806   1.000 45.38000 ?  65  ARG A CZ  1 
ATOM   515 N NH1 . ARG A 1 65 ? 11.80220  -10.95624 8.17326   1.000 33.30000 ?  65  ARG A NH1 1 
ATOM   516 N NH2 . ARG A 1 65 ? 9.54284   -11.10067 7.81264   1.000 35.71000 ?  65  ARG A NH2 1 
ATOM   517 N N   . SER A 1 66 ? 15.93975  -6.56502  7.87715   1.000 31.50000 ?  66  SER A N   1 
ATOM   518 C CA  . SER A 1 66 ? 16.98059  -7.23217  7.10336   1.000 43.18000 ?  66  SER A CA  1 
ATOM   519 C C   . SER A 1 66 ? 17.17436  -8.66876  7.57474   1.000 43.29000 ?  66  SER A C   1 
ATOM   520 O O   . SER A 1 66 ? 18.05047  -9.38018  7.08355   1.000 57.40000 ?  66  SER A O   1 
ATOM   521 C CB  . SER A 1 66 ? 18.29842  -6.46376  7.20593   1.000 52.52000 ?  66  SER A CB  1 
ATOM   522 O OG  . SER A 1 66 ? 18.73363  -6.37884  8.55117   1.000 32.86000 ?  66  SER A OG  1 
HETATM 523 O O   . HOH B 2 .  ? 13.34132  -6.05993  -5.18266  1.000 28.67000 ?  101 HOH A O   1 
HETATM 524 O O   . HOH B 2 .  ? -12.08766 8.01257   5.55186   1.000 28.71000 ?  102 HOH A O   1 
HETATM 525 O O   . HOH B 2 .  ? -9.86729  -5.09535  0.34779   1.000 22.51000 ?  103 HOH A O   1 
# 
